data_2OBK
#
_entry.id   2OBK
#
_cell.length_a   54.311
_cell.length_b   112.251
_cell.length_c   148.459
_cell.angle_alpha   90.00
_cell.angle_beta   90.00
_cell.angle_gamma   90.00
#
_symmetry.space_group_name_H-M   'P 21 21 21'
#
loop_
_entity.id
_entity.type
_entity.pdbx_description
1 polymer 'SelT/selW/selH selenoprotein domain'
2 water water
#
_entity_poly.entity_id   1
_entity_poly.type   'polypeptide(L)'
_entity_poly.pdbx_seq_one_letter_code
;(MSE)TERKPEVIITYCTQCQWLLRAAWLAQELLSTFSDDLGKVSLEPATGGAFRITCDGVQIWERKADGGFPEAKVLKQ
RVRDQIDPERDLGHNDRTQLEHHHHHH
;
_entity_poly.pdbx_strand_id   A,B,C,D,E,F,G,H
#
# COMPACT_ATOMS: atom_id res chain seq x y z
N ARG A 4 -14.79 -11.93 -29.37
CA ARG A 4 -15.44 -12.60 -28.22
C ARG A 4 -15.24 -11.79 -26.94
N LYS A 5 -16.03 -12.14 -25.94
CA LYS A 5 -16.01 -11.50 -24.63
C LYS A 5 -17.12 -12.23 -23.93
N PRO A 6 -17.00 -12.40 -22.61
CA PRO A 6 -18.06 -13.11 -21.89
C PRO A 6 -19.41 -12.42 -21.87
N GLU A 7 -20.46 -13.22 -22.00
CA GLU A 7 -21.81 -12.69 -21.96
C GLU A 7 -22.62 -13.43 -20.91
N VAL A 8 -23.05 -12.69 -19.89
CA VAL A 8 -23.85 -13.28 -18.84
C VAL A 8 -25.33 -13.09 -19.16
N ILE A 9 -26.12 -14.07 -18.81
CA ILE A 9 -27.55 -13.98 -19.06
C ILE A 9 -28.27 -14.38 -17.78
N ILE A 10 -29.25 -13.58 -17.39
CA ILE A 10 -30.03 -13.88 -16.20
C ILE A 10 -31.46 -14.15 -16.68
N THR A 11 -31.92 -15.39 -16.50
CA THR A 11 -33.29 -15.74 -16.89
C THR A 11 -34.16 -15.64 -15.64
N TYR A 12 -35.29 -14.93 -15.73
CA TYR A 12 -36.14 -14.74 -14.56
C TYR A 12 -37.62 -14.88 -14.80
N CYS A 13 -38.32 -15.46 -13.83
CA CYS A 13 -39.76 -15.61 -13.94
C CYS A 13 -40.44 -14.24 -13.80
N THR A 14 -41.06 -13.77 -14.88
CA THR A 14 -41.75 -12.47 -14.88
C THR A 14 -42.87 -12.37 -13.83
N GLN A 15 -43.87 -13.26 -13.90
CA GLN A 15 -44.98 -13.27 -12.94
C GLN A 15 -44.59 -13.32 -11.46
N CYS A 16 -43.52 -14.04 -11.14
CA CYS A 16 -43.01 -14.14 -9.76
C CYS A 16 -42.53 -12.77 -9.27
N GLN A 17 -42.41 -11.82 -10.21
CA GLN A 17 -41.95 -10.45 -9.93
C GLN A 17 -40.46 -10.39 -9.58
N TRP A 18 -39.65 -11.10 -10.35
CA TRP A 18 -38.22 -11.14 -10.08
C TRP A 18 -37.38 -10.27 -11.00
N LEU A 19 -38.03 -9.36 -11.72
CA LEU A 19 -37.30 -8.45 -12.59
C LEU A 19 -36.41 -7.55 -11.73
N LEU A 20 -36.95 -6.98 -10.66
CA LEU A 20 -36.19 -6.10 -9.74
C LEU A 20 -34.81 -6.64 -9.40
N ARG A 21 -34.80 -7.85 -8.86
CA ARG A 21 -33.56 -8.52 -8.44
C ARG A 21 -32.70 -8.95 -9.63
N ALA A 22 -33.36 -9.28 -10.75
CA ALA A 22 -32.65 -9.66 -11.95
C ALA A 22 -31.83 -8.45 -12.40
N ALA A 23 -32.48 -7.29 -12.44
CA ALA A 23 -31.86 -6.03 -12.84
C ALA A 23 -30.75 -5.59 -11.88
N TRP A 24 -30.98 -5.81 -10.60
CA TRP A 24 -30.02 -5.47 -9.58
C TRP A 24 -28.74 -6.28 -9.80
N LEU A 25 -28.85 -7.61 -9.77
CA LEU A 25 -27.68 -8.45 -9.99
C LEU A 25 -26.99 -8.14 -11.34
N ALA A 26 -27.74 -7.66 -12.32
CA ALA A 26 -27.15 -7.32 -13.62
C ALA A 26 -26.26 -6.11 -13.50
N GLN A 27 -26.60 -5.24 -12.56
CA GLN A 27 -25.84 -4.03 -12.34
C GLN A 27 -24.69 -4.29 -11.40
N GLU A 28 -24.85 -5.24 -10.49
CA GLU A 28 -23.76 -5.55 -9.58
C GLU A 28 -22.62 -6.04 -10.47
N LEU A 29 -22.96 -6.91 -11.42
CA LEU A 29 -21.96 -7.44 -12.35
C LEU A 29 -21.37 -6.34 -13.24
N LEU A 30 -22.20 -5.72 -14.07
CA LEU A 30 -21.71 -4.68 -14.96
C LEU A 30 -20.93 -3.58 -14.24
N SER A 31 -21.04 -3.49 -12.91
CA SER A 31 -20.31 -2.47 -12.16
C SER A 31 -18.88 -2.92 -11.91
N THR A 32 -18.72 -4.07 -11.25
CA THR A 32 -17.39 -4.57 -10.95
C THR A 32 -16.66 -5.19 -12.15
N PHE A 33 -17.39 -5.59 -13.18
CA PHE A 33 -16.77 -6.18 -14.37
C PHE A 33 -17.07 -5.37 -15.63
N SER A 34 -17.21 -4.06 -15.50
CA SER A 34 -17.54 -3.22 -16.63
C SER A 34 -16.62 -3.27 -17.83
N ASP A 35 -15.40 -3.79 -17.65
CA ASP A 35 -14.46 -3.86 -18.76
C ASP A 35 -14.22 -5.25 -19.27
N ASP A 36 -14.66 -6.25 -18.50
CA ASP A 36 -14.45 -7.64 -18.85
C ASP A 36 -15.63 -8.33 -19.50
N LEU A 37 -16.84 -7.81 -19.25
CA LEU A 37 -18.07 -8.39 -19.81
C LEU A 37 -18.50 -7.78 -21.15
N GLY A 38 -18.98 -8.64 -22.05
CA GLY A 38 -19.45 -8.19 -23.34
C GLY A 38 -20.82 -7.59 -23.18
N LYS A 39 -21.68 -8.29 -22.43
CA LYS A 39 -23.03 -7.84 -22.15
C LYS A 39 -23.75 -8.76 -21.19
N VAL A 40 -24.63 -8.19 -20.37
CA VAL A 40 -25.41 -8.95 -19.42
C VAL A 40 -26.84 -8.83 -19.93
N SER A 41 -27.48 -9.95 -20.17
CA SER A 41 -28.84 -9.96 -20.68
C SER A 41 -29.86 -10.32 -19.63
N LEU A 42 -31.05 -9.73 -19.75
CA LEU A 42 -32.16 -10.02 -18.84
C LEU A 42 -33.13 -10.76 -19.75
N GLU A 43 -33.50 -11.98 -19.35
CA GLU A 43 -34.40 -12.80 -20.16
C GLU A 43 -35.63 -13.33 -19.41
N PRO A 44 -36.79 -12.73 -19.68
CA PRO A 44 -38.02 -13.19 -19.03
C PRO A 44 -38.31 -14.67 -19.27
N ALA A 45 -38.91 -15.31 -18.27
CA ALA A 45 -39.27 -16.71 -18.33
C ALA A 45 -40.53 -16.91 -17.50
N THR A 46 -40.86 -18.17 -17.21
CA THR A 46 -42.04 -18.47 -16.41
C THR A 46 -41.75 -19.55 -15.38
N GLY A 47 -42.77 -19.88 -14.61
CA GLY A 47 -42.69 -20.92 -13.59
C GLY A 47 -41.48 -20.97 -12.67
N GLY A 48 -41.33 -19.97 -11.81
CA GLY A 48 -40.22 -19.95 -10.87
C GLY A 48 -38.81 -20.06 -11.43
N ALA A 49 -38.63 -19.62 -12.66
CA ALA A 49 -37.30 -19.72 -13.25
C ALA A 49 -36.39 -18.57 -12.82
N PHE A 50 -35.21 -18.93 -12.36
CA PHE A 50 -34.18 -17.98 -12.00
C PHE A 50 -32.82 -18.66 -12.18
N ARG A 51 -32.24 -18.45 -13.34
CA ARG A 51 -30.98 -19.05 -13.70
C ARG A 51 -30.00 -18.04 -14.30
N ILE A 52 -28.72 -18.21 -14.03
CA ILE A 52 -27.71 -17.33 -14.59
C ILE A 52 -26.60 -18.15 -15.20
N THR A 53 -26.09 -17.71 -16.33
CA THR A 53 -25.00 -18.42 -16.97
C THR A 53 -24.00 -17.43 -17.52
N CYS A 54 -22.80 -17.91 -17.80
CA CYS A 54 -21.75 -17.10 -18.37
C CYS A 54 -21.27 -17.90 -19.58
N ASP A 55 -21.48 -17.35 -20.77
CA ASP A 55 -21.11 -18.01 -22.02
C ASP A 55 -21.69 -19.41 -22.02
N GLY A 56 -22.96 -19.50 -21.63
CA GLY A 56 -23.65 -20.77 -21.60
C GLY A 56 -23.43 -21.65 -20.39
N VAL A 57 -22.57 -21.23 -19.47
CA VAL A 57 -22.27 -22.06 -18.29
C VAL A 57 -23.05 -21.66 -17.03
N GLN A 58 -23.90 -22.55 -16.56
CA GLN A 58 -24.70 -22.26 -15.38
C GLN A 58 -23.88 -21.98 -14.13
N ILE A 59 -24.02 -20.77 -13.59
CA ILE A 59 -23.29 -20.42 -12.37
C ILE A 59 -24.28 -20.16 -11.25
N TRP A 60 -25.54 -20.44 -11.53
CA TRP A 60 -26.56 -20.26 -10.53
C TRP A 60 -27.91 -20.75 -11.03
N GLU A 61 -28.65 -21.41 -10.15
CA GLU A 61 -29.97 -21.91 -10.50
C GLU A 61 -30.80 -22.13 -9.22
N ARG A 62 -31.83 -21.30 -9.05
CA ARG A 62 -32.72 -21.30 -7.89
C ARG A 62 -32.73 -22.58 -7.03
N LYS A 63 -33.43 -23.61 -7.52
CA LYS A 63 -33.55 -24.86 -6.81
C LYS A 63 -32.22 -25.54 -6.53
N ALA A 64 -31.31 -25.49 -7.49
CA ALA A 64 -30.01 -26.11 -7.32
C ALA A 64 -29.11 -25.41 -6.31
N ASP A 65 -29.13 -24.09 -6.25
CA ASP A 65 -28.27 -23.37 -5.32
C ASP A 65 -29.00 -22.82 -4.09
N GLY A 66 -30.25 -23.26 -3.90
CA GLY A 66 -31.03 -22.85 -2.76
C GLY A 66 -31.69 -21.48 -2.70
N GLY A 67 -31.91 -20.86 -3.85
CA GLY A 67 -32.53 -19.54 -3.84
C GLY A 67 -31.87 -18.57 -4.78
N PHE A 68 -31.61 -17.36 -4.28
CA PHE A 68 -30.98 -16.31 -5.06
C PHE A 68 -29.62 -16.01 -4.48
N PRO A 69 -28.63 -15.76 -5.36
CA PRO A 69 -27.25 -15.48 -4.98
C PRO A 69 -26.97 -14.17 -4.27
N GLU A 70 -25.84 -14.15 -3.56
CA GLU A 70 -25.37 -12.97 -2.86
C GLU A 70 -24.59 -12.29 -3.97
N ALA A 71 -24.57 -10.97 -3.98
CA ALA A 71 -23.84 -10.27 -5.02
C ALA A 71 -22.38 -10.72 -5.00
N LYS A 72 -21.84 -10.91 -3.80
CA LYS A 72 -20.46 -11.32 -3.64
C LYS A 72 -20.19 -12.67 -4.30
N VAL A 73 -21.08 -13.63 -4.08
CA VAL A 73 -20.92 -14.94 -4.66
C VAL A 73 -20.99 -14.90 -6.18
N LEU A 74 -22.09 -14.40 -6.73
CA LEU A 74 -22.25 -14.32 -8.18
C LEU A 74 -21.02 -13.65 -8.81
N LYS A 75 -20.50 -12.62 -8.14
CA LYS A 75 -19.31 -11.93 -8.64
C LYS A 75 -18.17 -12.95 -8.72
N GLN A 76 -17.92 -13.65 -7.63
CA GLN A 76 -16.85 -14.63 -7.60
C GLN A 76 -16.98 -15.72 -8.66
N ARG A 77 -18.18 -16.23 -8.84
CA ARG A 77 -18.40 -17.27 -9.83
C ARG A 77 -18.22 -16.75 -11.26
N VAL A 78 -18.46 -15.46 -11.47
CA VAL A 78 -18.28 -14.87 -12.78
C VAL A 78 -16.78 -14.62 -12.92
N ARG A 79 -16.15 -14.32 -11.80
CA ARG A 79 -14.72 -14.06 -11.77
C ARG A 79 -14.00 -15.35 -12.13
N ASP A 80 -14.30 -16.42 -11.40
CA ASP A 80 -13.67 -17.71 -11.69
C ASP A 80 -13.94 -18.13 -13.12
N GLN A 81 -15.13 -17.81 -13.63
CA GLN A 81 -15.47 -18.20 -14.99
C GLN A 81 -14.57 -17.51 -16.02
N ILE A 82 -14.33 -16.22 -15.84
CA ILE A 82 -13.48 -15.47 -16.75
C ILE A 82 -12.02 -15.84 -16.50
N ASP A 83 -11.44 -15.31 -15.44
CA ASP A 83 -10.05 -15.66 -15.12
C ASP A 83 -9.98 -16.16 -13.69
N PRO A 84 -9.84 -17.48 -13.52
CA PRO A 84 -9.76 -18.10 -12.20
C PRO A 84 -8.74 -17.44 -11.29
N GLU A 85 -7.66 -16.92 -11.87
CA GLU A 85 -6.61 -16.29 -11.08
C GLU A 85 -6.53 -14.77 -11.23
N ARG A 86 -7.69 -14.12 -11.19
CA ARG A 86 -7.78 -12.67 -11.28
C ARG A 86 -8.52 -12.23 -10.02
N ASP A 87 -7.89 -11.35 -9.24
CA ASP A 87 -8.49 -10.87 -8.01
C ASP A 87 -9.14 -9.53 -8.28
N ARG B 4 -37.00 -16.57 -30.94
CA ARG B 4 -37.95 -16.04 -31.95
C ARG B 4 -38.45 -14.64 -31.60
N LYS B 5 -38.60 -14.38 -30.30
CA LYS B 5 -39.06 -13.08 -29.83
C LYS B 5 -38.00 -12.01 -30.09
N PRO B 6 -38.43 -10.76 -30.35
CA PRO B 6 -37.46 -9.69 -30.60
C PRO B 6 -36.64 -9.39 -29.36
N GLU B 7 -35.39 -8.99 -29.58
CA GLU B 7 -34.48 -8.65 -28.49
C GLU B 7 -34.05 -7.18 -28.62
N VAL B 8 -33.79 -6.55 -27.49
CA VAL B 8 -33.36 -5.15 -27.46
C VAL B 8 -31.97 -5.09 -26.84
N ILE B 9 -31.17 -4.14 -27.31
CA ILE B 9 -29.83 -3.98 -26.78
C ILE B 9 -29.60 -2.51 -26.51
N ILE B 10 -29.22 -2.21 -25.28
CA ILE B 10 -28.92 -0.85 -24.89
C ILE B 10 -27.42 -0.79 -24.68
N THR B 11 -26.71 -0.28 -25.68
CA THR B 11 -25.26 -0.17 -25.55
C THR B 11 -25.02 1.16 -24.86
N TYR B 12 -24.11 1.18 -23.90
CA TYR B 12 -23.88 2.41 -23.15
C TYR B 12 -22.42 2.62 -22.71
N CYS B 13 -22.03 3.87 -22.58
CA CYS B 13 -20.69 4.22 -22.15
C CYS B 13 -20.60 4.04 -20.63
N THR B 14 -19.74 3.13 -20.21
CA THR B 14 -19.57 2.85 -18.79
C THR B 14 -18.84 3.96 -18.06
N GLN B 15 -17.81 4.49 -18.67
CA GLN B 15 -17.05 5.54 -18.03
C GLN B 15 -17.89 6.80 -17.81
N CYS B 16 -18.81 7.06 -18.73
CA CYS B 16 -19.69 8.21 -18.61
C CYS B 16 -20.62 8.00 -17.42
N GLN B 17 -20.68 6.77 -16.93
CA GLN B 17 -21.53 6.38 -15.80
C GLN B 17 -23.00 6.29 -16.20
N TRP B 18 -23.25 5.60 -17.32
CA TRP B 18 -24.62 5.47 -17.81
C TRP B 18 -25.28 4.10 -17.60
N LEU B 19 -24.68 3.26 -16.78
CA LEU B 19 -25.25 1.95 -16.48
C LEU B 19 -26.61 2.19 -15.86
N LEU B 20 -26.64 3.08 -14.86
CA LEU B 20 -27.86 3.42 -14.13
C LEU B 20 -29.02 3.69 -15.08
N ARG B 21 -28.80 4.57 -16.07
CA ARG B 21 -29.84 4.86 -17.04
C ARG B 21 -30.19 3.57 -17.77
N ALA B 22 -29.20 3.01 -18.45
CA ALA B 22 -29.37 1.78 -19.22
C ALA B 22 -30.18 0.73 -18.47
N ALA B 23 -29.89 0.55 -17.19
CA ALA B 23 -30.63 -0.43 -16.40
C ALA B 23 -32.10 -0.02 -16.22
N TRP B 24 -32.32 1.25 -15.89
CA TRP B 24 -33.66 1.76 -15.70
C TRP B 24 -34.52 1.56 -16.93
N LEU B 25 -34.00 1.96 -18.10
CA LEU B 25 -34.72 1.82 -19.36
C LEU B 25 -34.92 0.35 -19.70
N ALA B 26 -33.98 -0.50 -19.37
CA ALA B 26 -34.12 -1.92 -19.66
C ALA B 26 -35.29 -2.44 -18.82
N GLN B 27 -35.37 -1.97 -17.57
CA GLN B 27 -36.45 -2.39 -16.70
C GLN B 27 -37.80 -1.81 -17.16
N GLU B 28 -37.80 -0.55 -17.58
CA GLU B 28 -39.04 0.03 -18.08
C GLU B 28 -39.55 -0.88 -19.20
N LEU B 29 -38.70 -1.14 -20.19
CA LEU B 29 -39.07 -2.00 -21.30
C LEU B 29 -39.53 -3.39 -20.89
N LEU B 30 -38.81 -4.04 -19.97
CA LEU B 30 -39.17 -5.39 -19.55
C LEU B 30 -40.48 -5.57 -18.78
N SER B 31 -40.91 -4.53 -18.07
CA SER B 31 -42.14 -4.62 -17.30
C SER B 31 -43.34 -4.37 -18.22
N THR B 32 -43.10 -3.68 -19.33
CA THR B 32 -44.15 -3.36 -20.29
C THR B 32 -44.26 -4.41 -21.40
N PHE B 33 -43.17 -5.10 -21.69
CA PHE B 33 -43.19 -6.08 -22.77
C PHE B 33 -42.71 -7.44 -22.31
N SER B 34 -43.09 -7.83 -21.09
CA SER B 34 -42.68 -9.11 -20.51
C SER B 34 -43.07 -10.35 -21.31
N ASP B 35 -44.17 -10.28 -22.03
CA ASP B 35 -44.64 -11.41 -22.83
C ASP B 35 -44.20 -11.31 -24.27
N ASP B 36 -43.56 -10.19 -24.63
CA ASP B 36 -43.17 -10.01 -26.02
C ASP B 36 -41.69 -9.79 -26.30
N LEU B 37 -40.89 -9.51 -25.27
CA LEU B 37 -39.47 -9.32 -25.52
C LEU B 37 -38.64 -10.58 -25.26
N GLY B 38 -37.86 -11.00 -26.24
CA GLY B 38 -37.03 -12.18 -26.08
C GLY B 38 -36.07 -11.91 -24.94
N LYS B 39 -35.40 -10.77 -25.00
CA LYS B 39 -34.49 -10.33 -23.96
C LYS B 39 -34.03 -8.91 -24.20
N VAL B 40 -33.65 -8.22 -23.13
CA VAL B 40 -33.14 -6.87 -23.21
C VAL B 40 -31.71 -6.98 -22.70
N SER B 41 -30.75 -6.51 -23.49
CA SER B 41 -29.35 -6.60 -23.10
C SER B 41 -28.75 -5.24 -22.72
N LEU B 42 -27.81 -5.27 -21.79
CA LEU B 42 -27.10 -4.09 -21.36
C LEU B 42 -25.69 -4.33 -21.89
N GLU B 43 -25.19 -3.45 -22.75
CA GLU B 43 -23.86 -3.64 -23.32
C GLU B 43 -22.86 -2.53 -23.01
N PRO B 44 -21.77 -2.85 -22.30
CA PRO B 44 -20.78 -1.84 -21.98
C PRO B 44 -20.09 -1.29 -23.23
N ALA B 45 -19.76 -0.01 -23.23
CA ALA B 45 -19.09 0.60 -24.36
C ALA B 45 -18.30 1.80 -23.91
N THR B 46 -17.88 2.63 -24.85
CA THR B 46 -17.08 3.81 -24.50
C THR B 46 -17.47 5.06 -25.27
N GLY B 47 -16.60 6.06 -25.22
CA GLY B 47 -16.80 7.31 -25.93
C GLY B 47 -18.18 7.97 -25.94
N GLY B 48 -18.84 8.00 -24.78
CA GLY B 48 -20.14 8.63 -24.69
C GLY B 48 -21.21 8.08 -25.62
N ALA B 49 -21.12 6.79 -25.91
CA ALA B 49 -22.09 6.14 -26.78
C ALA B 49 -23.32 5.76 -25.96
N PHE B 50 -24.49 5.91 -26.57
CA PHE B 50 -25.73 5.52 -25.92
C PHE B 50 -26.71 5.26 -27.05
N ARG B 51 -26.69 4.02 -27.52
CA ARG B 51 -27.52 3.57 -28.61
C ARG B 51 -28.35 2.37 -28.16
N ILE B 52 -29.57 2.30 -28.67
CA ILE B 52 -30.51 1.24 -28.35
C ILE B 52 -31.02 0.60 -29.65
N THR B 53 -30.94 -0.72 -29.73
CA THR B 53 -31.40 -1.42 -30.91
C THR B 53 -32.50 -2.40 -30.56
N CYS B 54 -33.44 -2.60 -31.47
CA CYS B 54 -34.50 -3.58 -31.28
C CYS B 54 -34.39 -4.49 -32.48
N ASP B 55 -33.54 -5.51 -32.36
CA ASP B 55 -33.27 -6.47 -33.43
C ASP B 55 -32.45 -5.84 -34.54
N GLY B 56 -31.41 -5.10 -34.16
CA GLY B 56 -30.57 -4.47 -35.14
C GLY B 56 -31.11 -3.12 -35.55
N VAL B 57 -32.44 -2.98 -35.54
CA VAL B 57 -33.02 -1.70 -35.93
C VAL B 57 -32.85 -0.67 -34.82
N GLN B 58 -32.16 0.42 -35.15
CA GLN B 58 -31.94 1.48 -34.17
C GLN B 58 -33.24 2.19 -33.84
N ILE B 59 -33.47 2.44 -32.56
CA ILE B 59 -34.67 3.16 -32.13
C ILE B 59 -34.22 4.37 -31.33
N TRP B 60 -32.93 4.42 -31.03
CA TRP B 60 -32.34 5.55 -30.32
C TRP B 60 -30.82 5.54 -30.43
N GLU B 61 -30.25 6.74 -30.55
CA GLU B 61 -28.80 6.93 -30.65
C GLU B 61 -28.61 8.35 -30.16
N ARG B 62 -28.04 8.46 -28.96
CA ARG B 62 -27.80 9.73 -28.29
C ARG B 62 -27.63 11.00 -29.11
N LYS B 63 -26.66 11.01 -30.01
CA LYS B 63 -26.43 12.20 -30.82
C LYS B 63 -27.53 12.37 -31.85
N ALA B 64 -28.07 11.25 -32.31
CA ALA B 64 -29.13 11.23 -33.32
C ALA B 64 -30.47 11.77 -32.85
N ASP B 65 -30.86 11.46 -31.60
CA ASP B 65 -32.14 11.92 -31.09
C ASP B 65 -32.02 12.95 -29.96
N GLY B 66 -30.82 13.50 -29.82
CA GLY B 66 -30.58 14.53 -28.82
C GLY B 66 -30.59 14.17 -27.35
N GLY B 67 -29.80 13.18 -26.98
CA GLY B 67 -29.77 12.79 -25.58
C GLY B 67 -30.34 11.43 -25.30
N PHE B 68 -30.95 11.31 -24.13
CA PHE B 68 -31.51 10.05 -23.69
C PHE B 68 -33.03 10.03 -23.81
N PRO B 69 -33.58 8.94 -24.35
CA PRO B 69 -35.02 8.82 -24.52
C PRO B 69 -35.80 8.95 -23.22
N GLU B 70 -37.11 9.14 -23.37
CA GLU B 70 -38.02 9.24 -22.23
C GLU B 70 -38.60 7.85 -22.07
N ALA B 71 -39.24 7.59 -20.93
CA ALA B 71 -39.83 6.29 -20.71
C ALA B 71 -40.89 6.02 -21.77
N LYS B 72 -41.88 6.90 -21.86
CA LYS B 72 -42.97 6.72 -22.82
C LYS B 72 -42.51 6.63 -24.26
N VAL B 73 -41.63 7.53 -24.69
CA VAL B 73 -41.13 7.54 -26.06
C VAL B 73 -40.47 6.22 -26.47
N LEU B 74 -39.53 5.73 -25.67
CA LEU B 74 -38.86 4.47 -25.97
C LEU B 74 -39.88 3.33 -26.03
N LYS B 75 -40.88 3.37 -25.15
CA LYS B 75 -41.92 2.36 -25.15
C LYS B 75 -42.67 2.43 -26.48
N GLN B 76 -43.07 3.62 -26.90
CA GLN B 76 -43.80 3.77 -28.16
C GLN B 76 -42.97 3.23 -29.35
N ARG B 77 -41.67 3.50 -29.32
CA ARG B 77 -40.80 3.05 -30.40
C ARG B 77 -40.74 1.54 -30.47
N VAL B 78 -40.44 0.90 -29.34
CA VAL B 78 -40.39 -0.57 -29.29
C VAL B 78 -41.74 -1.12 -29.71
N ARG B 79 -42.80 -0.46 -29.25
CA ARG B 79 -44.16 -0.86 -29.58
C ARG B 79 -44.40 -0.86 -31.08
N ASP B 80 -44.27 0.32 -31.70
CA ASP B 80 -44.49 0.39 -33.14
C ASP B 80 -43.64 -0.65 -33.85
N GLN B 81 -42.47 -0.96 -33.29
CA GLN B 81 -41.56 -1.95 -33.86
C GLN B 81 -42.07 -3.40 -33.81
N ILE B 82 -42.66 -3.78 -32.67
CA ILE B 82 -43.14 -5.15 -32.46
C ILE B 82 -44.64 -5.37 -32.46
N ASP B 83 -45.37 -4.39 -31.96
CA ASP B 83 -46.82 -4.51 -31.82
C ASP B 83 -47.43 -3.16 -32.15
N PRO B 84 -47.42 -2.78 -33.42
CA PRO B 84 -47.99 -1.48 -33.78
C PRO B 84 -49.45 -1.25 -33.35
N GLU B 85 -50.27 -2.29 -33.43
CA GLU B 85 -51.68 -2.14 -33.07
C GLU B 85 -51.97 -2.12 -31.59
N ARG B 86 -50.91 -2.13 -30.77
CA ARG B 86 -51.09 -2.12 -29.33
C ARG B 86 -51.12 -0.72 -28.73
N ASP B 87 -52.07 -0.51 -27.83
CA ASP B 87 -52.21 0.76 -27.17
C ASP B 87 -51.42 0.71 -25.87
N LEU B 88 -51.04 1.88 -25.35
CA LEU B 88 -50.28 1.95 -24.12
C LEU B 88 -51.00 2.82 -23.07
N GLU C 3 -23.94 18.80 10.66
CA GLU C 3 -25.21 19.18 11.36
C GLU C 3 -26.38 19.31 10.37
N ARG C 4 -27.15 18.22 10.25
CA ARG C 4 -28.32 18.18 9.36
C ARG C 4 -28.00 18.34 7.88
N LYS C 5 -27.68 17.23 7.22
CA LYS C 5 -27.38 17.24 5.79
C LYS C 5 -28.71 17.30 5.04
N PRO C 6 -28.74 17.94 3.85
CA PRO C 6 -29.96 18.07 3.06
C PRO C 6 -30.54 16.74 2.61
N GLU C 7 -31.87 16.64 2.66
CA GLU C 7 -32.56 15.42 2.27
C GLU C 7 -33.41 15.67 1.04
N VAL C 8 -33.46 14.68 0.15
CA VAL C 8 -34.24 14.81 -1.06
C VAL C 8 -35.42 13.87 -0.97
N ILE C 9 -36.58 14.34 -1.42
CA ILE C 9 -37.79 13.53 -1.42
C ILE C 9 -38.34 13.47 -2.85
N ILE C 10 -38.65 12.27 -3.31
CA ILE C 10 -39.17 12.09 -4.65
C ILE C 10 -40.52 11.45 -4.53
N THR C 11 -41.57 12.27 -4.60
CA THR C 11 -42.95 11.79 -4.52
C THR C 11 -43.36 11.32 -5.90
N TYR C 12 -43.94 10.12 -5.99
CA TYR C 12 -44.33 9.60 -7.29
C TYR C 12 -45.66 8.84 -7.21
N CYS C 13 -46.40 8.85 -8.31
CA CYS C 13 -47.68 8.15 -8.38
C CYS C 13 -47.38 6.64 -8.50
N THR C 14 -47.90 5.85 -7.57
CA THR C 14 -47.63 4.42 -7.59
C THR C 14 -48.28 3.64 -8.73
N GLN C 15 -49.61 3.59 -8.75
CA GLN C 15 -50.30 2.86 -9.80
C GLN C 15 -49.97 3.30 -11.23
N CYS C 16 -49.23 4.41 -11.35
CA CYS C 16 -48.82 4.90 -12.66
C CYS C 16 -47.59 4.09 -13.05
N GLN C 17 -47.07 3.34 -12.09
CA GLN C 17 -45.88 2.52 -12.30
C GLN C 17 -44.66 3.43 -12.43
N TRP C 18 -44.49 4.34 -11.48
CA TRP C 18 -43.36 5.28 -11.52
C TRP C 18 -42.27 5.06 -10.48
N LEU C 19 -42.33 3.95 -9.78
CA LEU C 19 -41.32 3.65 -8.78
C LEU C 19 -39.97 3.63 -9.50
N LEU C 20 -39.90 2.87 -10.59
CA LEU C 20 -38.69 2.73 -11.39
C LEU C 20 -37.98 4.02 -11.72
N ARG C 21 -38.67 4.96 -12.36
CA ARG C 21 -38.04 6.21 -12.74
C ARG C 21 -37.72 7.07 -11.52
N ALA C 22 -38.41 6.81 -10.40
CA ALA C 22 -38.18 7.56 -9.17
C ALA C 22 -36.98 6.98 -8.45
N ALA C 23 -36.86 5.66 -8.49
CA ALA C 23 -35.76 4.96 -7.85
C ALA C 23 -34.50 5.21 -8.65
N TRP C 24 -34.64 5.20 -9.97
CA TRP C 24 -33.50 5.44 -10.83
C TRP C 24 -32.93 6.81 -10.47
N LEU C 25 -33.76 7.84 -10.50
CA LEU C 25 -33.30 9.20 -10.15
C LEU C 25 -32.69 9.23 -8.76
N ALA C 26 -33.28 8.50 -7.83
CA ALA C 26 -32.76 8.50 -6.46
C ALA C 26 -31.31 8.06 -6.45
N GLN C 27 -31.02 6.97 -7.17
CA GLN C 27 -29.68 6.43 -7.25
C GLN C 27 -28.75 7.40 -7.96
N GLU C 28 -29.24 8.03 -9.01
CA GLU C 28 -28.47 9.00 -9.76
C GLU C 28 -27.93 10.07 -8.82
N LEU C 29 -28.76 10.53 -7.89
CA LEU C 29 -28.34 11.55 -6.92
C LEU C 29 -27.36 11.02 -5.89
N LEU C 30 -27.64 9.83 -5.38
CA LEU C 30 -26.78 9.26 -4.36
C LEU C 30 -25.44 8.78 -4.88
N SER C 31 -25.34 8.49 -6.17
CA SER C 31 -24.07 8.03 -6.72
C SER C 31 -23.22 9.25 -7.08
N THR C 32 -23.83 10.43 -7.03
CA THR C 32 -23.12 11.65 -7.38
C THR C 32 -22.88 12.55 -6.16
N PHE C 33 -23.80 12.48 -5.21
CA PHE C 33 -23.69 13.30 -4.00
C PHE C 33 -23.63 12.47 -2.72
N SER C 34 -22.98 11.32 -2.80
CA SER C 34 -22.88 10.41 -1.66
C SER C 34 -22.73 11.05 -0.28
N ASP C 35 -21.66 11.80 -0.07
CA ASP C 35 -21.48 12.44 1.23
C ASP C 35 -21.86 13.92 1.17
N ASP C 36 -23.08 14.21 0.74
CA ASP C 36 -23.54 15.58 0.69
C ASP C 36 -25.05 15.61 0.93
N LEU C 37 -25.66 14.44 0.87
CA LEU C 37 -27.10 14.32 1.08
C LEU C 37 -27.34 13.42 2.28
N GLY C 38 -28.22 13.85 3.18
CA GLY C 38 -28.52 13.07 4.37
C GLY C 38 -29.30 11.82 4.03
N LYS C 39 -30.20 11.94 3.07
CA LYS C 39 -31.01 10.83 2.62
C LYS C 39 -31.82 11.25 1.39
N VAL C 40 -32.29 10.27 0.64
CA VAL C 40 -33.11 10.49 -0.53
C VAL C 40 -34.28 9.57 -0.24
N SER C 41 -35.49 10.12 -0.20
CA SER C 41 -36.68 9.34 0.12
C SER C 41 -37.63 9.12 -1.04
N LEU C 42 -38.23 7.93 -1.10
CA LEU C 42 -39.19 7.59 -2.13
C LEU C 42 -40.56 7.54 -1.46
N GLU C 43 -41.41 8.52 -1.79
CA GLU C 43 -42.74 8.63 -1.19
C GLU C 43 -43.90 8.30 -2.11
N PRO C 44 -44.55 7.13 -1.90
CA PRO C 44 -45.68 6.74 -2.75
C PRO C 44 -46.79 7.80 -2.71
N ALA C 45 -47.44 8.01 -3.86
CA ALA C 45 -48.52 8.99 -4.02
C ALA C 45 -49.52 8.57 -5.11
N THR C 46 -50.51 9.42 -5.35
CA THR C 46 -51.53 9.11 -6.37
C THR C 46 -51.81 10.29 -7.29
N GLY C 47 -52.63 10.05 -8.32
CA GLY C 47 -52.96 11.10 -9.25
C GLY C 47 -51.75 11.62 -10.01
N GLY C 48 -51.11 10.72 -10.74
CA GLY C 48 -49.95 11.07 -11.54
C GLY C 48 -49.07 12.18 -11.02
N ALA C 49 -48.84 12.22 -9.71
CA ALA C 49 -47.99 13.25 -9.13
C ALA C 49 -46.53 12.83 -9.20
N PHE C 50 -45.65 13.82 -9.38
CA PHE C 50 -44.20 13.60 -9.43
C PHE C 50 -43.58 14.93 -9.05
N ARG C 51 -43.25 15.08 -7.76
CA ARG C 51 -42.67 16.32 -7.24
C ARG C 51 -41.50 16.04 -6.31
N ILE C 52 -40.33 16.52 -6.70
CA ILE C 52 -39.13 16.32 -5.92
C ILE C 52 -38.77 17.56 -5.09
N THR C 53 -38.53 17.36 -3.80
CA THR C 53 -38.16 18.47 -2.91
C THR C 53 -36.76 18.20 -2.35
N CYS C 54 -36.11 19.27 -1.90
CA CYS C 54 -34.77 19.21 -1.30
C CYS C 54 -34.90 20.13 -0.07
N ASP C 55 -35.23 19.52 1.07
CA ASP C 55 -35.45 20.24 2.32
C ASP C 55 -36.65 21.16 2.10
N GLY C 56 -37.73 20.61 1.55
CA GLY C 56 -38.94 21.37 1.29
C GLY C 56 -38.92 22.15 -0.01
N VAL C 57 -37.72 22.57 -0.42
CA VAL C 57 -37.55 23.35 -1.64
C VAL C 57 -37.76 22.53 -2.92
N GLN C 58 -38.95 22.66 -3.51
CA GLN C 58 -39.25 21.94 -4.73
C GLN C 58 -38.27 22.30 -5.83
N ILE C 59 -37.61 21.28 -6.37
CA ILE C 59 -36.65 21.51 -7.45
C ILE C 59 -37.18 20.86 -8.72
N TRP C 60 -38.41 20.37 -8.63
CA TRP C 60 -39.08 19.76 -9.77
C TRP C 60 -40.48 19.27 -9.45
N GLU C 61 -41.37 19.43 -10.41
CA GLU C 61 -42.76 19.00 -10.29
C GLU C 61 -43.25 18.80 -11.72
N ARG C 62 -43.66 17.57 -12.03
CA ARG C 62 -44.11 17.19 -13.37
C ARG C 62 -44.93 18.24 -14.12
N LYS C 63 -45.95 18.78 -13.48
CA LYS C 63 -46.80 19.79 -14.12
C LYS C 63 -45.97 21.01 -14.50
N ALA C 64 -45.57 21.77 -13.48
CA ALA C 64 -44.77 22.97 -13.71
C ALA C 64 -43.60 22.74 -14.65
N ASP C 65 -42.77 21.75 -14.35
CA ASP C 65 -41.59 21.46 -15.15
C ASP C 65 -41.81 20.68 -16.46
N GLY C 66 -43.05 20.25 -16.67
CA GLY C 66 -43.40 19.55 -17.90
C GLY C 66 -42.89 18.14 -18.14
N GLY C 67 -43.19 17.25 -17.21
CA GLY C 67 -42.78 15.86 -17.34
C GLY C 67 -41.81 15.39 -16.28
N PHE C 68 -40.78 14.68 -16.71
CA PHE C 68 -39.80 14.13 -15.80
C PHE C 68 -38.43 14.72 -16.10
N PRO C 69 -37.64 15.00 -15.06
CA PRO C 69 -36.31 15.58 -15.21
C PRO C 69 -35.27 14.70 -15.88
N GLU C 70 -34.19 15.34 -16.33
CA GLU C 70 -33.07 14.65 -16.95
C GLU C 70 -32.12 14.37 -15.81
N ALA C 71 -31.08 13.57 -16.07
CA ALA C 71 -30.13 13.29 -15.02
C ALA C 71 -29.31 14.56 -14.81
N LYS C 72 -28.86 15.14 -15.91
CA LYS C 72 -28.06 16.36 -15.88
C LYS C 72 -28.74 17.46 -15.07
N VAL C 73 -29.97 17.78 -15.43
CA VAL C 73 -30.76 18.82 -14.78
C VAL C 73 -30.94 18.68 -13.27
N LEU C 74 -31.58 17.60 -12.85
CA LEU C 74 -31.83 17.35 -11.43
C LEU C 74 -30.51 17.34 -10.66
N LYS C 75 -29.46 16.84 -11.30
CA LYS C 75 -28.15 16.82 -10.65
C LYS C 75 -27.73 18.26 -10.41
N GLN C 76 -27.99 19.12 -11.39
CA GLN C 76 -27.63 20.53 -11.26
C GLN C 76 -28.52 21.27 -10.26
N ARG C 77 -29.80 20.93 -10.23
CA ARG C 77 -30.70 21.60 -9.29
C ARG C 77 -30.46 21.13 -7.86
N VAL C 78 -29.91 19.93 -7.70
CA VAL C 78 -29.63 19.45 -6.35
C VAL C 78 -28.32 20.10 -5.93
N ARG C 79 -27.40 20.23 -6.89
CA ARG C 79 -26.11 20.85 -6.61
C ARG C 79 -26.28 22.31 -6.19
N ASP C 80 -27.22 23.00 -6.81
CA ASP C 80 -27.49 24.41 -6.49
C ASP C 80 -28.08 24.62 -5.10
N GLN C 81 -28.20 23.57 -4.31
CA GLN C 81 -28.79 23.69 -2.99
C GLN C 81 -27.85 23.31 -1.84
N ILE C 82 -26.70 22.72 -2.17
CA ILE C 82 -25.73 22.28 -1.17
C ILE C 82 -25.23 23.24 -0.07
N ASP C 83 -25.56 24.52 -0.14
CA ASP C 83 -25.08 25.48 0.89
C ASP C 83 -23.57 25.36 1.07
N PRO C 84 -22.79 26.07 0.23
CA PRO C 84 -21.33 26.03 0.29
C PRO C 84 -20.71 26.43 1.63
N ARG D 4 -49.66 10.02 8.52
CA ARG D 4 -48.46 9.66 9.32
C ARG D 4 -48.10 8.18 9.14
N LYS D 5 -47.95 7.77 7.88
CA LYS D 5 -47.62 6.38 7.52
C LYS D 5 -46.17 6.01 7.83
N PRO D 6 -45.90 4.71 8.07
CA PRO D 6 -44.59 4.15 8.39
C PRO D 6 -43.45 4.49 7.43
N GLU D 7 -42.27 4.73 7.98
CA GLU D 7 -41.09 5.03 7.18
C GLU D 7 -40.13 3.85 7.30
N VAL D 8 -39.40 3.57 6.23
CA VAL D 8 -38.43 2.49 6.26
C VAL D 8 -37.12 3.10 5.82
N ILE D 9 -36.11 3.08 6.67
CA ILE D 9 -34.84 3.64 6.25
C ILE D 9 -33.75 2.58 6.16
N ILE D 10 -32.99 2.65 5.08
CA ILE D 10 -31.90 1.72 4.85
C ILE D 10 -30.61 2.54 4.87
N THR D 11 -29.83 2.36 5.93
CA THR D 11 -28.57 3.08 6.07
C THR D 11 -27.54 2.18 5.39
N TYR D 12 -26.81 2.73 4.41
CA TYR D 12 -25.84 1.94 3.66
C TYR D 12 -24.47 2.58 3.53
N CYS D 13 -23.42 1.76 3.52
CA CYS D 13 -22.06 2.22 3.39
C CYS D 13 -21.75 2.55 1.93
N THR D 14 -21.58 3.83 1.63
CA THR D 14 -21.32 4.29 0.26
C THR D 14 -20.02 3.81 -0.37
N GLN D 15 -18.90 3.93 0.34
CA GLN D 15 -17.63 3.49 -0.22
C GLN D 15 -17.65 2.01 -0.57
N CYS D 16 -18.45 1.25 0.17
CA CYS D 16 -18.57 -0.19 -0.03
C CYS D 16 -19.35 -0.50 -1.32
N GLN D 17 -19.85 0.54 -1.96
CA GLN D 17 -20.62 0.40 -3.17
C GLN D 17 -21.86 -0.48 -2.90
N TRP D 18 -22.58 -0.17 -1.82
CA TRP D 18 -23.79 -0.91 -1.46
C TRP D 18 -25.05 -0.12 -1.75
N LEU D 19 -24.95 0.92 -2.58
CA LEU D 19 -26.13 1.71 -2.93
C LEU D 19 -27.09 0.89 -3.79
N LEU D 20 -26.53 0.12 -4.71
CA LEU D 20 -27.31 -0.73 -5.59
C LEU D 20 -28.25 -1.67 -4.82
N ARG D 21 -27.73 -2.42 -3.85
CA ARG D 21 -28.59 -3.33 -3.09
C ARG D 21 -29.57 -2.59 -2.17
N ALA D 22 -29.20 -1.40 -1.73
CA ALA D 22 -30.06 -0.60 -0.88
C ALA D 22 -31.25 -0.06 -1.68
N ALA D 23 -30.99 0.30 -2.93
CA ALA D 23 -32.06 0.81 -3.77
C ALA D 23 -32.88 -0.35 -4.29
N TRP D 24 -32.28 -1.52 -4.38
CA TRP D 24 -32.99 -2.69 -4.86
C TRP D 24 -33.99 -3.11 -3.78
N LEU D 25 -33.51 -3.33 -2.56
CA LEU D 25 -34.38 -3.70 -1.45
C LEU D 25 -35.44 -2.61 -1.24
N ALA D 26 -35.07 -1.35 -1.50
CA ALA D 26 -36.03 -0.26 -1.37
C ALA D 26 -37.18 -0.50 -2.33
N GLN D 27 -36.86 -0.71 -3.60
CA GLN D 27 -37.88 -0.96 -4.60
C GLN D 27 -38.74 -2.18 -4.31
N GLU D 28 -38.13 -3.25 -3.79
CA GLU D 28 -38.91 -4.44 -3.46
C GLU D 28 -39.99 -4.10 -2.41
N LEU D 29 -39.61 -3.33 -1.39
CA LEU D 29 -40.54 -2.93 -0.35
C LEU D 29 -41.65 -2.03 -0.89
N LEU D 30 -41.26 -1.01 -1.66
CA LEU D 30 -42.22 -0.07 -2.22
C LEU D 30 -43.12 -0.79 -3.20
N SER D 31 -42.62 -1.90 -3.73
CA SER D 31 -43.41 -2.68 -4.66
C SER D 31 -44.53 -3.43 -3.96
N THR D 32 -44.19 -4.27 -2.99
CA THR D 32 -45.21 -5.05 -2.30
C THR D 32 -45.90 -4.34 -1.13
N PHE D 33 -45.48 -3.13 -0.81
CA PHE D 33 -46.10 -2.38 0.28
C PHE D 33 -46.36 -0.96 -0.18
N SER D 34 -46.69 -0.83 -1.46
CA SER D 34 -46.96 0.46 -2.06
C SER D 34 -48.09 1.24 -1.41
N ASP D 35 -49.05 0.53 -0.84
CA ASP D 35 -50.20 1.19 -0.24
C ASP D 35 -50.10 1.42 1.25
N ASP D 36 -49.06 0.90 1.89
CA ASP D 36 -48.96 1.08 3.33
C ASP D 36 -47.77 1.88 3.87
N LEU D 37 -46.64 1.86 3.17
CA LEU D 37 -45.46 2.61 3.62
C LEU D 37 -45.54 4.07 3.18
N GLY D 38 -45.24 4.98 4.11
CA GLY D 38 -45.28 6.41 3.82
C GLY D 38 -44.12 6.80 2.91
N LYS D 39 -43.04 6.05 3.03
CA LYS D 39 -41.83 6.22 2.23
C LYS D 39 -40.71 5.33 2.70
N VAL D 40 -39.76 5.12 1.80
CA VAL D 40 -38.57 4.33 2.09
C VAL D 40 -37.42 5.28 1.83
N SER D 41 -36.53 5.45 2.80
CA SER D 41 -35.41 6.36 2.65
C SER D 41 -34.09 5.61 2.47
N LEU D 42 -33.15 6.25 1.79
CA LEU D 42 -31.82 5.69 1.56
C LEU D 42 -30.86 6.65 2.26
N GLU D 43 -30.28 6.21 3.38
CA GLU D 43 -29.38 7.08 4.13
C GLU D 43 -27.91 6.64 4.09
N PRO D 44 -27.06 7.41 3.39
CA PRO D 44 -25.63 7.11 3.27
C PRO D 44 -24.92 7.14 4.62
N ALA D 45 -24.14 6.11 4.91
CA ALA D 45 -23.41 6.06 6.16
C ALA D 45 -21.94 6.07 5.77
N THR D 46 -21.13 6.83 6.52
CA THR D 46 -19.71 6.92 6.23
C THR D 46 -19.01 5.63 6.65
N GLY D 47 -19.63 4.90 7.58
CA GLY D 47 -19.06 3.65 8.06
C GLY D 47 -19.62 2.47 7.28
N GLY D 48 -19.00 1.30 7.47
CA GLY D 48 -19.44 0.10 6.75
C GLY D 48 -20.70 -0.52 7.30
N ALA D 49 -21.80 0.23 7.23
CA ALA D 49 -23.06 -0.25 7.75
C ALA D 49 -24.08 -0.55 6.71
N PHE D 50 -25.11 -1.25 7.16
CA PHE D 50 -26.22 -1.63 6.33
C PHE D 50 -27.28 -2.10 7.33
N ARG D 51 -28.07 -1.16 7.84
CA ARG D 51 -29.12 -1.53 8.76
C ARG D 51 -30.41 -0.83 8.36
N ILE D 52 -31.50 -1.55 8.52
CA ILE D 52 -32.82 -1.06 8.15
C ILE D 52 -33.74 -0.96 9.36
N THR D 53 -34.41 0.19 9.48
CA THR D 53 -35.34 0.38 10.58
C THR D 53 -36.72 0.71 10.01
N CYS D 54 -37.75 0.40 10.79
CA CYS D 54 -39.12 0.72 10.41
C CYS D 54 -39.59 1.56 11.59
N ASP D 55 -39.87 2.83 11.33
CA ASP D 55 -40.31 3.73 12.38
C ASP D 55 -39.40 3.58 13.59
N GLY D 56 -38.11 3.78 13.35
CA GLY D 56 -37.11 3.68 14.40
C GLY D 56 -36.74 2.29 14.85
N VAL D 57 -37.62 1.33 14.60
CA VAL D 57 -37.38 -0.04 15.02
C VAL D 57 -36.51 -0.81 14.03
N GLN D 58 -35.28 -1.07 14.45
CA GLN D 58 -34.34 -1.81 13.62
C GLN D 58 -34.93 -3.16 13.26
N ILE D 59 -34.89 -3.51 11.97
CA ILE D 59 -35.39 -4.80 11.52
C ILE D 59 -34.26 -5.59 10.84
N TRP D 60 -33.10 -4.95 10.72
CA TRP D 60 -31.98 -5.63 10.13
C TRP D 60 -30.67 -4.92 10.37
N GLU D 61 -29.65 -5.70 10.66
CA GLU D 61 -28.33 -5.17 10.90
C GLU D 61 -27.36 -6.18 10.35
N ARG D 62 -26.52 -5.75 9.41
CA ARG D 62 -25.56 -6.63 8.77
C ARG D 62 -24.87 -7.60 9.73
N LYS D 63 -24.12 -7.06 10.69
CA LYS D 63 -23.41 -7.91 11.63
C LYS D 63 -24.34 -8.81 12.43
N ALA D 64 -25.34 -8.21 13.08
CA ALA D 64 -26.26 -9.00 13.88
C ALA D 64 -26.93 -10.11 13.08
N ASP D 65 -27.67 -9.73 12.04
CA ASP D 65 -28.41 -10.68 11.24
C ASP D 65 -27.61 -11.52 10.23
N GLY D 66 -26.28 -11.44 10.29
CA GLY D 66 -25.44 -12.26 9.42
C GLY D 66 -25.08 -11.85 8.00
N GLY D 67 -25.35 -10.60 7.63
CA GLY D 67 -25.01 -10.17 6.29
C GLY D 67 -26.01 -9.20 5.68
N PHE D 68 -26.59 -9.61 4.57
CA PHE D 68 -27.60 -8.81 3.88
C PHE D 68 -28.86 -9.64 3.86
N PRO D 69 -30.03 -9.00 3.78
CA PRO D 69 -31.25 -9.82 3.78
C PRO D 69 -31.73 -10.26 2.40
N GLU D 70 -32.59 -11.27 2.39
CA GLU D 70 -33.19 -11.77 1.17
C GLU D 70 -34.47 -10.94 1.11
N ALA D 71 -34.91 -10.59 -0.09
CA ALA D 71 -36.11 -9.79 -0.21
C ALA D 71 -37.27 -10.46 0.54
N LYS D 72 -37.34 -11.78 0.43
CA LYS D 72 -38.37 -12.59 1.07
C LYS D 72 -38.46 -12.34 2.57
N VAL D 73 -37.31 -12.36 3.22
CA VAL D 73 -37.23 -12.15 4.65
C VAL D 73 -37.60 -10.72 5.04
N LEU D 74 -36.97 -9.75 4.36
CA LEU D 74 -37.22 -8.33 4.64
C LEU D 74 -38.69 -8.00 4.51
N LYS D 75 -39.29 -8.36 3.38
CA LYS D 75 -40.72 -8.12 3.18
C LYS D 75 -41.48 -8.61 4.40
N GLN D 76 -41.10 -9.80 4.88
CA GLN D 76 -41.72 -10.44 6.04
C GLN D 76 -41.61 -9.63 7.32
N ARG D 77 -40.38 -9.30 7.70
CA ARG D 77 -40.15 -8.54 8.92
C ARG D 77 -40.90 -7.21 8.94
N VAL D 78 -40.98 -6.57 7.77
CA VAL D 78 -41.70 -5.31 7.67
C VAL D 78 -43.20 -5.61 7.81
N ARG D 79 -43.63 -6.74 7.27
CA ARG D 79 -45.02 -7.12 7.36
C ARG D 79 -45.43 -7.27 8.82
N ASP D 80 -44.59 -7.92 9.62
CA ASP D 80 -44.88 -8.13 11.02
C ASP D 80 -44.91 -6.79 11.75
N GLN D 81 -44.07 -5.87 11.27
CA GLN D 81 -43.95 -4.55 11.87
C GLN D 81 -45.14 -3.62 11.60
N ILE D 82 -45.84 -3.81 10.48
CA ILE D 82 -46.97 -2.93 10.16
C ILE D 82 -48.31 -3.64 9.96
N ASP D 83 -48.42 -4.48 8.95
CA ASP D 83 -49.66 -5.21 8.68
C ASP D 83 -49.44 -6.70 8.95
N PRO D 84 -49.58 -7.11 10.24
CA PRO D 84 -49.37 -8.51 10.62
C PRO D 84 -50.24 -9.53 9.88
N GLU D 85 -51.41 -9.11 9.40
CA GLU D 85 -52.30 -10.01 8.68
C GLU D 85 -52.15 -9.90 7.16
N ARG D 86 -51.12 -10.54 6.63
CA ARG D 86 -50.86 -10.54 5.20
C ARG D 86 -50.12 -11.82 4.77
N ASP D 87 -50.08 -12.05 3.46
CA ASP D 87 -49.40 -13.21 2.90
C ASP D 87 -48.44 -12.78 1.78
N LYS E 5 50.81 -8.80 -5.41
CA LYS E 5 50.70 -8.90 -3.94
C LYS E 5 49.55 -9.81 -3.57
N PRO E 6 49.69 -10.59 -2.50
CA PRO E 6 48.65 -11.52 -2.04
C PRO E 6 47.28 -10.87 -1.80
N GLU E 7 46.24 -11.69 -1.78
CA GLU E 7 44.87 -11.19 -1.56
C GLU E 7 44.15 -12.03 -0.50
N VAL E 8 43.20 -11.41 0.18
CA VAL E 8 42.44 -12.09 1.21
C VAL E 8 40.94 -11.96 0.94
N ILE E 9 40.19 -13.02 1.19
CA ILE E 9 38.74 -12.95 1.00
C ILE E 9 38.13 -13.33 2.33
N ILE E 10 37.10 -12.61 2.71
CA ILE E 10 36.42 -12.92 3.95
C ILE E 10 35.00 -13.18 3.55
N THR E 11 34.68 -14.45 3.39
CA THR E 11 33.35 -14.89 3.02
C THR E 11 32.48 -14.78 4.28
N TYR E 12 31.26 -14.26 4.15
CA TYR E 12 30.41 -14.11 5.33
C TYR E 12 28.94 -14.36 5.11
N CYS E 13 28.30 -14.98 6.08
CA CYS E 13 26.87 -15.26 5.99
C CYS E 13 26.09 -13.94 6.10
N THR E 14 25.28 -13.64 5.09
CA THR E 14 24.52 -12.40 5.09
C THR E 14 23.41 -12.28 6.13
N GLN E 15 22.42 -13.16 6.08
CA GLN E 15 21.33 -13.07 7.03
C GLN E 15 21.77 -13.09 8.47
N CYS E 16 22.93 -13.70 8.73
CA CYS E 16 23.47 -13.81 10.08
C CYS E 16 23.91 -12.45 10.61
N GLN E 17 23.89 -11.45 9.74
CA GLN E 17 24.30 -10.10 10.10
C GLN E 17 25.79 -10.12 10.41
N TRP E 18 26.56 -10.87 9.64
CA TRP E 18 27.99 -10.95 9.89
C TRP E 18 28.85 -9.99 9.09
N LEU E 19 28.21 -9.13 8.31
CA LEU E 19 28.94 -8.13 7.53
C LEU E 19 29.84 -7.28 8.41
N LEU E 20 29.32 -6.84 9.56
CA LEU E 20 30.08 -6.01 10.50
C LEU E 20 31.45 -6.54 10.92
N ARG E 21 31.47 -7.78 11.44
CA ARG E 21 32.73 -8.39 11.86
C ARG E 21 33.60 -8.73 10.65
N ALA E 22 32.97 -9.06 9.54
CA ALA E 22 33.70 -9.37 8.32
C ALA E 22 34.42 -8.12 7.81
N ALA E 23 33.78 -6.96 7.90
CA ALA E 23 34.37 -5.69 7.46
C ALA E 23 35.36 -5.16 8.49
N TRP E 24 35.14 -5.51 9.75
CA TRP E 24 36.01 -5.08 10.82
C TRP E 24 37.34 -5.80 10.59
N LEU E 25 37.32 -7.12 10.68
CA LEU E 25 38.52 -7.90 10.46
C LEU E 25 39.20 -7.46 9.17
N ALA E 26 38.40 -7.01 8.21
CA ALA E 26 38.92 -6.57 6.91
C ALA E 26 39.75 -5.30 7.06
N GLN E 27 39.33 -4.40 7.94
CA GLN E 27 40.08 -3.17 8.15
C GLN E 27 41.27 -3.46 9.06
N GLU E 28 41.06 -4.29 10.08
CA GLU E 28 42.17 -4.65 10.95
C GLU E 28 43.30 -5.18 10.07
N LEU E 29 42.97 -5.96 9.05
CA LEU E 29 43.98 -6.48 8.16
C LEU E 29 44.61 -5.38 7.31
N LEU E 30 43.79 -4.56 6.66
CA LEU E 30 44.32 -3.50 5.81
C LEU E 30 45.09 -2.40 6.53
N SER E 31 44.81 -2.16 7.80
CA SER E 31 45.54 -1.12 8.51
C SER E 31 46.97 -1.57 8.79
N THR E 32 47.13 -2.80 9.30
CA THR E 32 48.45 -3.32 9.62
C THR E 32 49.23 -3.79 8.38
N PHE E 33 48.53 -4.19 7.33
CA PHE E 33 49.19 -4.66 6.11
C PHE E 33 48.93 -3.79 4.91
N SER E 34 48.92 -2.47 5.12
CA SER E 34 48.65 -1.55 4.02
C SER E 34 49.60 -1.72 2.85
N ASP E 35 50.78 -2.24 3.09
CA ASP E 35 51.75 -2.40 2.02
C ASP E 35 51.92 -3.82 1.54
N ASP E 36 51.54 -4.77 2.38
CA ASP E 36 51.70 -6.17 2.01
C ASP E 36 50.57 -6.83 1.23
N LEU E 37 49.34 -6.34 1.36
CA LEU E 37 48.23 -6.98 0.66
C LEU E 37 47.71 -6.26 -0.58
N GLY E 38 47.50 -7.03 -1.64
CA GLY E 38 46.97 -6.47 -2.87
C GLY E 38 45.55 -5.96 -2.67
N LYS E 39 44.72 -6.80 -2.07
CA LYS E 39 43.33 -6.45 -1.81
C LYS E 39 42.65 -7.45 -0.88
N VAL E 40 41.83 -6.94 0.04
CA VAL E 40 41.05 -7.79 0.95
C VAL E 40 39.62 -7.66 0.44
N SER E 41 38.97 -8.77 0.16
CA SER E 41 37.61 -8.74 -0.37
C SER E 41 36.53 -9.27 0.57
N LEU E 42 35.36 -8.62 0.53
CA LEU E 42 34.20 -9.03 1.32
C LEU E 42 33.27 -9.75 0.36
N GLU E 43 32.97 -11.01 0.67
CA GLU E 43 32.12 -11.85 -0.18
C GLU E 43 30.90 -12.43 0.55
N PRO E 44 29.70 -12.04 0.11
CA PRO E 44 28.45 -12.54 0.71
C PRO E 44 28.33 -14.05 0.55
N ALA E 45 27.68 -14.70 1.52
CA ALA E 45 27.44 -16.15 1.51
C ALA E 45 26.28 -16.42 2.43
N THR E 46 25.96 -17.68 2.65
CA THR E 46 24.84 -18.00 3.53
C THR E 46 25.10 -19.19 4.44
N GLY E 47 24.09 -19.53 5.24
CA GLY E 47 24.19 -20.64 6.15
C GLY E 47 25.40 -20.62 7.07
N GLY E 48 25.37 -19.73 8.05
CA GLY E 48 26.46 -19.61 9.02
C GLY E 48 27.87 -19.72 8.48
N ALA E 49 28.07 -19.34 7.22
CA ALA E 49 29.41 -19.43 6.66
C ALA E 49 30.26 -18.23 7.02
N PHE E 50 31.47 -18.52 7.49
CA PHE E 50 32.46 -17.51 7.83
C PHE E 50 33.82 -18.17 7.63
N ARG E 51 34.37 -17.96 6.46
CA ARG E 51 35.64 -18.54 6.07
C ARG E 51 36.54 -17.44 5.48
N ILE E 52 37.79 -17.39 5.92
CA ILE E 52 38.76 -16.41 5.45
C ILE E 52 39.92 -17.10 4.75
N THR E 53 40.39 -16.55 3.64
CA THR E 53 41.51 -17.15 2.92
C THR E 53 42.55 -16.12 2.48
N CYS E 54 43.74 -16.61 2.15
CA CYS E 54 44.85 -15.77 1.72
C CYS E 54 45.52 -16.48 0.56
N ASP E 55 45.28 -16.01 -0.66
CA ASP E 55 45.81 -16.66 -1.85
C ASP E 55 45.17 -18.02 -1.98
N GLY E 56 43.88 -18.07 -1.67
CA GLY E 56 43.14 -19.32 -1.77
C GLY E 56 43.29 -20.24 -0.59
N VAL E 57 44.31 -20.01 0.23
CA VAL E 57 44.54 -20.85 1.40
C VAL E 57 43.69 -20.45 2.59
N GLN E 58 43.02 -21.42 3.18
CA GLN E 58 42.17 -21.17 4.34
C GLN E 58 42.99 -20.86 5.59
N ILE E 59 42.66 -19.77 6.27
CA ILE E 59 43.36 -19.43 7.50
C ILE E 59 42.34 -19.33 8.61
N TRP E 60 41.07 -19.46 8.26
CA TRP E 60 40.02 -19.42 9.25
C TRP E 60 38.68 -19.87 8.70
N GLU E 61 37.99 -20.72 9.45
CA GLU E 61 36.68 -21.21 9.07
C GLU E 61 35.89 -21.54 10.34
N ARG E 62 34.85 -20.75 10.58
CA ARG E 62 33.95 -20.86 11.74
C ARG E 62 34.01 -22.16 12.53
N LYS E 63 33.43 -23.20 11.96
CA LYS E 63 33.40 -24.50 12.62
C LYS E 63 34.79 -25.01 12.99
N ALA E 64 35.64 -25.18 11.98
CA ALA E 64 37.01 -25.68 12.16
C ALA E 64 37.83 -24.95 13.20
N ASP E 65 37.71 -23.63 13.24
CA ASP E 65 38.50 -22.86 14.19
C ASP E 65 37.74 -22.47 15.45
N GLY E 66 36.51 -22.95 15.56
CA GLY E 66 35.69 -22.70 16.74
C GLY E 66 35.12 -21.31 17.00
N GLY E 67 34.71 -20.60 15.95
CA GLY E 67 34.13 -19.28 16.17
C GLY E 67 34.64 -18.16 15.29
N PHE E 68 34.99 -17.05 15.91
CA PHE E 68 35.51 -15.89 15.21
C PHE E 68 36.90 -15.53 15.71
N PRO E 69 37.79 -15.19 14.78
CA PRO E 69 39.16 -14.86 15.15
C PRO E 69 39.35 -13.59 15.97
N GLU E 70 40.47 -13.58 16.68
CA GLU E 70 40.90 -12.46 17.50
C GLU E 70 41.69 -11.64 16.49
N ALA E 71 41.78 -10.34 16.70
CA ALA E 71 42.51 -9.51 15.79
C ALA E 71 43.99 -9.92 15.70
N LYS E 72 44.60 -10.20 16.83
CA LYS E 72 46.01 -10.58 16.82
C LYS E 72 46.23 -11.91 16.12
N VAL E 73 45.27 -12.83 16.24
CA VAL E 73 45.39 -14.12 15.60
C VAL E 73 45.34 -14.04 14.08
N LEU E 74 44.30 -13.39 13.56
CA LEU E 74 44.16 -13.28 12.12
C LEU E 74 45.38 -12.64 11.48
N LYS E 75 45.87 -11.59 12.12
CA LYS E 75 47.04 -10.86 11.65
C LYS E 75 48.27 -11.74 11.57
N GLN E 76 48.49 -12.55 12.59
CA GLN E 76 49.66 -13.41 12.61
C GLN E 76 49.55 -14.55 11.61
N ARG E 77 48.36 -15.10 11.49
CA ARG E 77 48.13 -16.19 10.56
C ARG E 77 48.40 -15.71 9.13
N VAL E 78 48.07 -14.45 8.86
CA VAL E 78 48.27 -13.88 7.53
C VAL E 78 49.75 -13.60 7.39
N ARG E 79 50.36 -13.29 8.52
CA ARG E 79 51.79 -13.01 8.56
C ARG E 79 52.50 -14.29 8.11
N ASP E 80 52.13 -15.40 8.75
CA ASP E 80 52.72 -16.69 8.44
C ASP E 80 52.51 -17.06 7.00
N GLN E 81 51.32 -16.80 6.50
CA GLN E 81 51.00 -17.12 5.13
C GLN E 81 51.87 -16.31 4.18
N ILE E 82 51.91 -15.00 4.36
CA ILE E 82 52.69 -14.11 3.51
C ILE E 82 54.17 -14.49 3.37
N ASP E 83 54.71 -15.19 4.37
CA ASP E 83 56.10 -15.65 4.37
C ASP E 83 56.52 -15.94 5.80
N PRO E 84 56.92 -17.19 6.09
CA PRO E 84 57.35 -17.58 7.44
C PRO E 84 58.59 -16.84 7.98
N ARG F 4 28.73 -15.63 -12.30
CA ARG F 4 28.99 -14.38 -13.06
C ARG F 4 28.53 -13.16 -12.24
N LYS F 5 28.17 -13.40 -10.98
CA LYS F 5 27.74 -12.30 -10.10
C LYS F 5 28.82 -11.24 -10.14
N PRO F 6 28.45 -9.98 -10.43
CA PRO F 6 29.36 -8.84 -10.52
C PRO F 6 30.12 -8.50 -9.24
N GLU F 7 31.31 -7.94 -9.41
CA GLU F 7 32.14 -7.56 -8.27
C GLU F 7 32.56 -6.10 -8.41
N VAL F 8 32.57 -5.37 -7.30
CA VAL F 8 33.00 -3.97 -7.34
C VAL F 8 34.28 -3.86 -6.52
N ILE F 9 35.14 -2.94 -6.88
CA ILE F 9 36.38 -2.78 -6.13
C ILE F 9 36.67 -1.31 -5.91
N ILE F 10 36.93 -0.99 -4.64
CA ILE F 10 37.25 0.36 -4.21
C ILE F 10 38.75 0.49 -3.99
N THR F 11 39.41 1.22 -4.88
CA THR F 11 40.84 1.42 -4.74
C THR F 11 40.98 2.70 -3.95
N TYR F 12 41.62 2.64 -2.79
CA TYR F 12 41.77 3.84 -1.98
C TYR F 12 43.23 4.12 -1.68
N CYS F 13 43.53 5.39 -1.38
CA CYS F 13 44.88 5.79 -1.06
C CYS F 13 45.13 5.47 0.41
N THR F 14 46.03 4.52 0.64
CA THR F 14 46.36 4.07 1.99
C THR F 14 46.93 5.16 2.90
N GLN F 15 48.11 5.67 2.56
CA GLN F 15 48.73 6.69 3.40
C GLN F 15 47.81 7.88 3.66
N CYS F 16 46.82 8.08 2.79
CA CYS F 16 45.89 9.19 2.96
C CYS F 16 44.94 8.95 4.15
N GLN F 17 44.90 7.71 4.64
CA GLN F 17 44.03 7.36 5.74
C GLN F 17 42.58 7.41 5.27
N TRP F 18 42.32 6.75 4.14
CA TRP F 18 40.98 6.70 3.57
C TRP F 18 40.37 5.30 3.65
N LEU F 19 40.96 4.45 4.47
CA LEU F 19 40.47 3.09 4.65
C LEU F 19 39.09 3.18 5.30
N LEU F 20 38.91 4.16 6.19
CA LEU F 20 37.64 4.34 6.88
C LEU F 20 36.47 4.56 5.94
N ARG F 21 36.66 5.40 4.94
CA ARG F 21 35.59 5.68 4.00
C ARG F 21 35.43 4.59 2.95
N ALA F 22 36.53 4.06 2.45
CA ALA F 22 36.47 3.01 1.44
C ALA F 22 35.76 1.80 2.06
N ALA F 23 36.07 1.55 3.32
CA ALA F 23 35.44 0.45 4.03
C ALA F 23 33.96 0.74 4.25
N TRP F 24 33.64 1.97 4.65
CA TRP F 24 32.26 2.39 4.87
C TRP F 24 31.43 2.18 3.61
N LEU F 25 31.95 2.63 2.47
CA LEU F 25 31.21 2.47 1.22
C LEU F 25 31.01 0.99 0.89
N ALA F 26 32.08 0.19 1.01
CA ALA F 26 31.96 -1.23 0.70
C ALA F 26 30.81 -1.82 1.49
N GLN F 27 30.62 -1.36 2.72
CA GLN F 27 29.53 -1.88 3.54
C GLN F 27 28.18 -1.33 3.11
N GLU F 28 28.15 -0.06 2.72
CA GLU F 28 26.92 0.55 2.25
C GLU F 28 26.39 -0.26 1.09
N LEU F 29 27.28 -0.61 0.17
CA LEU F 29 26.90 -1.39 -1.01
C LEU F 29 26.47 -2.81 -0.64
N LEU F 30 27.22 -3.43 0.26
CA LEU F 30 26.88 -4.80 0.66
C LEU F 30 25.60 -4.90 1.48
N SER F 31 25.19 -3.80 2.12
CA SER F 31 23.96 -3.86 2.91
C SER F 31 22.74 -3.68 1.99
N THR F 32 22.99 -3.27 0.75
CA THR F 32 21.91 -3.07 -0.21
C THR F 32 22.00 -3.97 -1.43
N PHE F 33 23.14 -4.64 -1.61
CA PHE F 33 23.30 -5.52 -2.76
C PHE F 33 23.77 -6.93 -2.43
N SER F 34 23.39 -7.43 -1.25
CA SER F 34 23.78 -8.79 -0.81
C SER F 34 23.60 -9.91 -1.83
N ASP F 35 22.34 -10.16 -2.17
CA ASP F 35 21.98 -11.22 -3.10
C ASP F 35 22.52 -10.94 -4.52
N ASP F 36 23.08 -9.75 -4.74
CA ASP F 36 23.56 -9.39 -6.07
C ASP F 36 25.07 -9.26 -6.29
N LEU F 37 25.76 -8.53 -5.42
CA LEU F 37 27.20 -8.41 -5.56
C LEU F 37 27.80 -9.74 -5.14
N GLY F 38 28.94 -10.09 -5.71
CA GLY F 38 29.55 -11.36 -5.35
C GLY F 38 30.82 -11.16 -4.57
N LYS F 39 31.27 -9.92 -4.52
CA LYS F 39 32.48 -9.60 -3.81
C LYS F 39 32.72 -8.10 -3.99
N VAL F 40 32.95 -7.40 -2.88
CA VAL F 40 33.25 -5.99 -2.95
C VAL F 40 34.70 -5.93 -2.42
N SER F 41 35.65 -5.51 -3.25
CA SER F 41 37.04 -5.49 -2.83
C SER F 41 37.62 -4.14 -2.45
N LEU F 42 38.51 -4.16 -1.46
CA LEU F 42 39.20 -2.97 -1.02
C LEU F 42 40.66 -3.13 -1.46
N GLU F 43 41.09 -2.25 -2.36
CA GLU F 43 42.45 -2.30 -2.89
C GLU F 43 43.29 -1.09 -2.48
N PRO F 44 44.28 -1.30 -1.59
CA PRO F 44 45.12 -0.20 -1.16
C PRO F 44 46.01 0.33 -2.29
N ALA F 45 46.16 1.65 -2.34
CA ALA F 45 46.96 2.32 -3.35
C ALA F 45 47.52 3.60 -2.74
N THR F 46 48.22 4.38 -3.56
CA THR F 46 48.82 5.63 -3.10
C THR F 46 48.57 6.74 -4.10
N GLY F 47 49.10 7.91 -3.80
CA GLY F 47 48.94 9.04 -4.69
C GLY F 47 47.59 9.68 -4.58
N GLY F 48 46.96 9.53 -3.42
CA GLY F 48 45.65 10.11 -3.20
C GLY F 48 44.58 9.59 -4.16
N ALA F 49 44.77 8.38 -4.65
CA ALA F 49 43.81 7.80 -5.58
C ALA F 49 42.56 7.35 -4.85
N PHE F 50 41.46 7.29 -5.59
CA PHE F 50 40.18 6.83 -5.08
C PHE F 50 39.24 6.58 -6.26
N ARG F 51 39.24 5.34 -6.74
CA ARG F 51 38.44 4.94 -7.88
C ARG F 51 37.64 3.66 -7.60
N ILE F 52 36.35 3.70 -7.92
CA ILE F 52 35.49 2.55 -7.69
C ILE F 52 35.00 1.92 -8.98
N THR F 53 35.51 0.74 -9.31
CA THR F 53 35.07 0.06 -10.54
C THR F 53 34.05 -1.04 -10.26
N CYS F 54 33.21 -1.33 -11.25
CA CYS F 54 32.22 -2.39 -11.12
C CYS F 54 32.31 -3.31 -12.31
N ASP F 55 32.78 -4.53 -12.08
CA ASP F 55 32.92 -5.49 -13.16
C ASP F 55 33.79 -4.89 -14.24
N GLY F 56 34.71 -4.01 -13.84
CA GLY F 56 35.60 -3.39 -14.78
C GLY F 56 35.18 -2.00 -15.15
N VAL F 57 33.88 -1.75 -15.16
CA VAL F 57 33.36 -0.44 -15.51
C VAL F 57 33.58 0.56 -14.41
N GLN F 58 34.24 1.67 -14.73
CA GLN F 58 34.47 2.71 -13.74
C GLN F 58 33.13 3.42 -13.42
N ILE F 59 32.85 3.63 -12.14
CA ILE F 59 31.62 4.30 -11.76
C ILE F 59 31.92 5.45 -10.82
N TRP F 60 33.21 5.68 -10.56
CA TRP F 60 33.62 6.79 -9.70
C TRP F 60 35.14 6.95 -9.64
N GLU F 61 35.57 8.20 -9.58
CA GLU F 61 36.99 8.52 -9.52
C GLU F 61 37.08 9.96 -9.01
N ARG F 62 37.64 10.12 -7.82
CA ARG F 62 37.77 11.43 -7.17
C ARG F 62 37.91 12.66 -8.08
N LYS F 63 39.06 12.78 -8.75
CA LYS F 63 39.36 13.90 -9.66
C LYS F 63 38.29 14.18 -10.72
N ALA F 64 37.71 13.11 -11.27
CA ALA F 64 36.70 13.22 -12.30
C ALA F 64 35.27 13.51 -11.81
N ASP F 65 34.90 12.98 -10.65
CA ASP F 65 33.55 13.19 -10.13
C ASP F 65 33.51 14.18 -8.99
N GLY F 66 34.64 14.85 -8.75
CA GLY F 66 34.70 15.85 -7.69
C GLY F 66 34.92 15.36 -6.28
N GLY F 67 35.53 14.18 -6.12
CA GLY F 67 35.77 13.67 -4.79
C GLY F 67 35.26 12.26 -4.49
N PHE F 68 34.65 12.13 -3.33
CA PHE F 68 34.11 10.85 -2.87
C PHE F 68 32.59 10.90 -3.05
N PRO F 69 31.98 9.76 -3.36
CA PRO F 69 30.53 9.74 -3.57
C PRO F 69 29.66 9.72 -2.32
N GLU F 70 28.42 10.20 -2.46
CA GLU F 70 27.46 10.18 -1.37
C GLU F 70 27.04 8.72 -1.37
N ALA F 71 26.54 8.22 -0.24
CA ALA F 71 26.14 6.83 -0.21
C ALA F 71 25.08 6.52 -1.26
N LYS F 72 24.05 7.36 -1.34
CA LYS F 72 22.98 7.11 -2.31
C LYS F 72 23.40 7.17 -3.77
N VAL F 73 24.39 8.01 -4.10
CA VAL F 73 24.83 8.12 -5.50
C VAL F 73 25.59 6.90 -5.98
N LEU F 74 26.40 6.30 -5.11
CA LEU F 74 27.13 5.12 -5.54
C LEU F 74 26.13 3.98 -5.70
N LYS F 75 25.17 3.88 -4.78
CA LYS F 75 24.19 2.81 -4.88
C LYS F 75 23.46 2.89 -6.22
N GLN F 76 23.07 4.09 -6.62
CA GLN F 76 22.37 4.26 -7.90
C GLN F 76 23.27 3.78 -9.02
N ARG F 77 24.52 4.26 -9.02
CA ARG F 77 25.48 3.90 -10.06
C ARG F 77 25.70 2.41 -10.22
N VAL F 78 25.85 1.69 -9.11
CA VAL F 78 26.04 0.24 -9.15
C VAL F 78 24.72 -0.40 -9.59
N ARG F 79 23.60 0.19 -9.18
CA ARG F 79 22.31 -0.34 -9.59
C ARG F 79 22.17 -0.14 -11.09
N ASP F 80 22.38 1.10 -11.55
CA ASP F 80 22.28 1.41 -12.98
C ASP F 80 23.14 0.43 -13.78
N GLN F 81 24.12 -0.17 -13.10
CA GLN F 81 25.04 -1.12 -13.72
C GLN F 81 24.56 -2.57 -13.77
N ILE F 82 24.19 -3.13 -12.61
CA ILE F 82 23.78 -4.51 -12.50
C ILE F 82 22.28 -4.78 -12.38
N ASP F 83 21.48 -3.73 -12.27
CA ASP F 83 20.05 -3.91 -12.11
C ASP F 83 19.38 -2.55 -12.35
N PRO F 84 19.49 -2.04 -13.59
CA PRO F 84 18.88 -0.75 -13.87
C PRO F 84 17.44 -0.67 -13.39
N GLU F 85 16.68 -1.68 -13.76
CA GLU F 85 15.26 -1.80 -13.46
C GLU F 85 14.83 -1.76 -12.00
N ARG F 86 15.79 -1.69 -11.08
CA ARG F 86 15.43 -1.70 -9.66
C ARG F 86 15.22 -0.37 -8.96
N ASP F 87 14.04 -0.19 -8.36
CA ASP F 87 13.74 1.04 -7.65
C ASP F 87 14.32 0.97 -6.25
N LEU F 88 15.39 1.74 -6.02
CA LEU F 88 16.06 1.77 -4.73
C LEU F 88 15.29 2.53 -3.64
N GLY F 89 13.97 2.58 -3.77
CA GLY F 89 13.15 3.29 -2.79
C GLY F 89 13.47 4.76 -2.63
N ARG G 4 38.07 18.79 30.81
CA ARG G 4 36.69 18.57 30.29
C ARG G 4 36.68 17.79 28.98
N LYS G 5 37.41 18.33 28.00
CA LYS G 5 37.49 17.70 26.68
C LYS G 5 36.12 17.56 26.04
N PRO G 6 35.93 18.19 24.86
CA PRO G 6 34.69 18.20 24.08
C PRO G 6 34.07 16.84 23.82
N GLU G 7 32.75 16.81 23.75
CA GLU G 7 32.03 15.58 23.48
C GLU G 7 31.14 15.81 22.27
N VAL G 8 31.34 15.00 21.23
CA VAL G 8 30.56 15.13 20.02
C VAL G 8 29.51 14.03 19.98
N ILE G 9 28.26 14.39 19.73
CA ILE G 9 27.19 13.40 19.66
C ILE G 9 26.55 13.39 18.28
N ILE G 10 26.53 12.20 17.67
CA ILE G 10 25.95 12.00 16.35
C ILE G 10 24.60 11.30 16.48
N THR G 11 23.51 12.02 16.24
CA THR G 11 22.18 11.43 16.32
C THR G 11 21.77 11.04 14.91
N TYR G 12 21.38 9.78 14.74
CA TYR G 12 21.00 9.26 13.43
C TYR G 12 19.65 8.53 13.53
N CYS G 13 19.07 8.19 12.39
CA CYS G 13 17.79 7.47 12.40
C CYS G 13 17.99 5.98 12.17
N THR G 14 17.61 5.21 13.19
CA THR G 14 17.75 3.77 13.15
C THR G 14 17.16 3.12 11.89
N GLN G 15 15.84 3.11 11.81
CA GLN G 15 15.15 2.50 10.68
C GLN G 15 15.56 3.01 9.29
N CYS G 16 16.30 4.11 9.23
CA CYS G 16 16.75 4.64 7.95
C CYS G 16 18.05 3.96 7.56
N GLN G 17 18.60 3.18 8.49
CA GLN G 17 19.86 2.47 8.27
C GLN G 17 21.00 3.46 8.10
N TRP G 18 21.17 4.35 9.07
CA TRP G 18 22.22 5.35 9.02
C TRP G 18 23.29 5.13 10.09
N LEU G 19 23.25 3.96 10.72
CA LEU G 19 24.22 3.60 11.73
C LEU G 19 25.60 3.58 11.08
N LEU G 20 25.68 3.02 9.88
CA LEU G 20 26.92 2.93 9.13
C LEU G 20 27.52 4.29 8.84
N ARG G 21 26.65 5.23 8.50
CA ARG G 21 27.05 6.60 8.19
C ARG G 21 27.58 7.28 9.46
N ALA G 22 26.83 7.09 10.55
CA ALA G 22 27.17 7.65 11.84
C ALA G 22 28.50 7.12 12.37
N ALA G 23 28.65 5.79 12.33
CA ALA G 23 29.84 5.09 12.79
C ALA G 23 31.07 5.53 12.03
N TRP G 24 30.93 5.72 10.72
CA TRP G 24 32.04 6.14 9.89
C TRP G 24 32.56 7.52 10.33
N LEU G 25 31.66 8.49 10.36
CA LEU G 25 32.01 9.84 10.78
C LEU G 25 32.55 9.79 12.21
N ALA G 26 31.92 8.99 13.06
CA ALA G 26 32.37 8.88 14.43
C ALA G 26 33.84 8.46 14.40
N GLN G 27 34.16 7.35 13.74
CA GLN G 27 35.55 6.89 13.67
C GLN G 27 36.42 7.91 12.96
N GLU G 28 35.83 8.67 12.05
CA GLU G 28 36.58 9.70 11.35
C GLU G 28 37.00 10.79 12.34
N LEU G 29 36.09 11.18 13.24
CA LEU G 29 36.38 12.20 14.24
C LEU G 29 37.38 11.67 15.28
N LEU G 30 37.10 10.48 15.80
CA LEU G 30 37.97 9.86 16.80
C LEU G 30 39.33 9.48 16.21
N SER G 31 39.40 9.36 14.89
CA SER G 31 40.66 9.02 14.23
C SER G 31 41.44 10.26 13.86
N THR G 32 40.95 11.42 14.31
CA THR G 32 41.61 12.69 14.01
C THR G 32 41.79 13.57 15.23
N PHE G 33 40.97 13.37 16.25
CA PHE G 33 41.07 14.17 17.48
C PHE G 33 41.23 13.24 18.68
N SER G 34 41.93 12.13 18.48
CA SER G 34 42.13 11.14 19.52
C SER G 34 42.46 11.70 20.91
N ASP G 35 43.39 12.65 20.98
CA ASP G 35 43.79 13.22 22.27
C ASP G 35 43.02 14.47 22.68
N ASP G 36 42.17 14.99 21.79
CA ASP G 36 41.43 16.22 22.09
C ASP G 36 39.97 16.01 22.46
N LEU G 37 39.34 14.98 21.90
CA LEU G 37 37.94 14.69 22.17
C LEU G 37 37.79 13.79 23.39
N GLY G 38 36.73 14.02 24.16
CA GLY G 38 36.49 13.21 25.34
C GLY G 38 35.78 11.93 24.99
N LYS G 39 34.62 12.05 24.34
CA LYS G 39 33.85 10.88 23.94
C LYS G 39 32.77 11.18 22.90
N VAL G 40 32.96 10.65 21.70
CA VAL G 40 32.00 10.83 20.61
C VAL G 40 30.91 9.77 20.81
N SER G 41 29.65 10.16 20.73
CA SER G 41 28.55 9.22 20.95
C SER G 41 27.62 9.01 19.75
N LEU G 42 27.02 7.83 19.68
CA LEU G 42 26.08 7.51 18.61
C LEU G 42 24.71 7.38 19.26
N GLU G 43 23.81 8.28 18.90
CA GLU G 43 22.48 8.32 19.45
C GLU G 43 21.42 7.85 18.46
N PRO G 44 20.83 6.66 18.70
CA PRO G 44 19.80 6.15 17.80
C PRO G 44 18.55 7.02 17.85
N ALA G 45 17.99 7.32 16.69
CA ALA G 45 16.79 8.16 16.62
C ALA G 45 15.81 7.69 15.54
N THR G 46 14.86 8.57 15.20
CA THR G 46 13.85 8.26 14.19
C THR G 46 13.58 9.44 13.27
N GLY G 47 12.53 9.30 12.46
CA GLY G 47 12.14 10.35 11.52
C GLY G 47 13.27 11.10 10.85
N GLY G 48 13.96 10.41 9.94
CA GLY G 48 15.07 11.02 9.21
C GLY G 48 15.88 12.06 9.95
N ALA G 49 16.12 11.83 11.23
CA ALA G 49 16.89 12.78 12.03
C ALA G 49 18.39 12.48 11.98
N PHE G 50 19.19 13.50 11.68
CA PHE G 50 20.65 13.34 11.63
C PHE G 50 21.33 14.63 12.07
N ARG G 51 21.49 14.78 13.38
CA ARG G 51 22.09 15.97 13.98
C ARG G 51 23.38 15.67 14.72
N ILE G 52 24.35 16.56 14.61
CA ILE G 52 25.65 16.43 15.27
C ILE G 52 25.98 17.66 16.11
N THR G 53 26.15 17.48 17.42
CA THR G 53 26.46 18.60 18.31
C THR G 53 27.80 18.44 19.01
N CYS G 54 28.32 19.56 19.49
CA CYS G 54 29.60 19.61 20.20
C CYS G 54 29.31 20.24 21.57
N ASP G 55 29.35 19.41 22.61
CA ASP G 55 29.08 19.88 23.97
C ASP G 55 27.66 20.47 24.01
N GLY G 56 26.82 20.01 23.09
CA GLY G 56 25.46 20.52 23.03
C GLY G 56 25.39 21.72 22.10
N VAL G 57 26.30 21.79 21.13
CA VAL G 57 26.34 22.89 20.17
C VAL G 57 26.35 22.37 18.73
N GLN G 58 25.15 22.20 18.15
CA GLN G 58 24.98 21.68 16.79
C GLN G 58 25.98 22.23 15.77
N ILE G 59 26.58 21.32 14.99
CA ILE G 59 27.55 21.69 13.96
C ILE G 59 27.10 21.17 12.60
N TRP G 60 25.99 20.43 12.61
CA TRP G 60 25.43 19.88 11.39
C TRP G 60 24.03 19.31 11.65
N GLU G 61 23.11 19.64 10.75
CA GLU G 61 21.74 19.17 10.84
C GLU G 61 21.29 18.83 9.43
N ARG G 62 20.98 17.55 9.22
CA ARG G 62 20.55 17.04 7.92
C ARG G 62 19.86 18.07 7.04
N LYS G 63 18.69 18.53 7.48
CA LYS G 63 17.89 19.51 6.72
C LYS G 63 18.53 20.89 6.52
N ALA G 64 18.90 21.55 7.61
CA ALA G 64 19.51 22.87 7.51
C ALA G 64 20.83 22.83 6.76
N ASP G 65 21.45 21.64 6.70
CA ASP G 65 22.71 21.48 6.00
C ASP G 65 22.60 20.68 4.70
N GLY G 66 21.37 20.40 4.31
CA GLY G 66 21.11 19.68 3.08
C GLY G 66 21.87 18.39 2.85
N GLY G 67 21.69 17.41 3.74
CA GLY G 67 22.35 16.14 3.55
C GLY G 67 23.29 15.65 4.62
N PHE G 68 24.26 14.85 4.19
CA PHE G 68 25.25 14.28 5.08
C PHE G 68 26.60 14.92 4.87
N PRO G 69 27.27 15.28 5.97
CA PRO G 69 28.59 15.93 5.97
C PRO G 69 29.63 15.08 5.27
N GLU G 70 30.48 15.72 4.49
CA GLU G 70 31.51 14.98 3.76
C GLU G 70 32.86 14.90 4.50
N ALA G 71 33.92 14.63 3.73
CA ALA G 71 35.27 14.48 4.26
C ALA G 71 35.74 15.51 5.29
N LYS G 72 36.38 16.56 4.79
CA LYS G 72 36.95 17.63 5.60
C LYS G 72 35.96 18.47 6.40
N VAL G 73 34.75 18.64 5.89
CA VAL G 73 33.77 19.48 6.56
C VAL G 73 33.50 19.15 8.03
N LEU G 74 32.94 17.97 8.31
CA LEU G 74 32.63 17.61 9.70
C LEU G 74 33.85 17.69 10.59
N LYS G 75 35.04 17.58 9.99
CA LYS G 75 36.27 17.64 10.76
C LYS G 75 36.62 19.09 11.15
N GLN G 76 36.55 19.99 10.17
CA GLN G 76 36.85 21.40 10.42
C GLN G 76 35.84 22.09 11.35
N ARG G 77 34.58 21.73 11.25
CA ARG G 77 33.54 22.33 12.10
C ARG G 77 33.80 22.01 13.56
N VAL G 78 34.59 20.97 13.78
CA VAL G 78 34.96 20.55 15.13
C VAL G 78 36.36 21.09 15.39
N ARG G 79 37.17 21.15 14.34
CA ARG G 79 38.53 21.67 14.45
C ARG G 79 38.44 23.14 14.84
N ASP G 80 37.46 23.83 14.28
CA ASP G 80 37.22 25.25 14.56
C ASP G 80 36.09 25.31 15.58
N GLN G 81 36.22 24.54 16.66
CA GLN G 81 35.21 24.50 17.70
C GLN G 81 35.90 24.03 18.98
N ILE G 82 37.13 23.56 18.84
CA ILE G 82 37.92 23.07 19.96
C ILE G 82 39.29 23.74 19.93
N ASP G 83 39.55 24.48 18.86
CA ASP G 83 40.81 25.19 18.71
C ASP G 83 40.76 26.04 17.45
N PRO G 84 40.38 27.32 17.58
CA PRO G 84 40.30 28.23 16.43
C PRO G 84 41.64 28.62 15.83
N GLU G 85 42.66 27.78 16.05
CA GLU G 85 43.99 28.05 15.52
C GLU G 85 44.61 26.76 14.98
N ARG G 86 43.98 25.64 15.30
CA ARG G 86 44.44 24.32 14.88
C ARG G 86 44.08 24.06 13.40
N ASP G 87 44.97 23.37 12.69
CA ASP G 87 44.73 23.05 11.28
C ASP G 87 45.29 21.67 10.90
N LYS H 5 16.36 5.77 28.91
CA LYS H 5 16.91 4.49 28.37
C LYS H 5 18.39 4.31 28.68
N PRO H 6 18.83 3.06 28.88
CA PRO H 6 20.21 2.72 29.19
C PRO H 6 21.22 3.15 28.14
N GLU H 7 22.44 3.41 28.60
CA GLU H 7 23.53 3.82 27.73
C GLU H 7 24.76 2.95 27.96
N VAL H 8 25.58 2.82 26.93
CA VAL H 8 26.78 2.01 27.00
C VAL H 8 27.98 2.88 26.66
N ILE H 9 29.08 2.66 27.36
CA ILE H 9 30.32 3.41 27.13
C ILE H 9 31.43 2.42 26.84
N ILE H 10 32.07 2.57 25.68
CA ILE H 10 33.17 1.69 25.32
C ILE H 10 34.46 2.51 25.37
N THR H 11 35.22 2.35 26.44
CA THR H 11 36.47 3.07 26.62
C THR H 11 37.59 2.25 25.97
N TYR H 12 38.41 2.90 25.16
CA TYR H 12 39.47 2.19 24.48
C TYR H 12 40.78 2.97 24.40
N CYS H 13 41.90 2.24 24.50
CA CYS H 13 43.23 2.84 24.41
C CYS H 13 43.54 3.27 22.98
N THR H 14 43.63 4.56 22.76
CA THR H 14 43.90 5.09 21.42
C THR H 14 45.24 4.69 20.78
N GLN H 15 46.34 4.83 21.52
CA GLN H 15 47.66 4.47 21.01
C GLN H 15 47.75 3.00 20.58
N CYS H 16 46.98 2.16 21.25
CA CYS H 16 46.93 0.73 20.97
C CYS H 16 46.26 0.44 19.63
N GLN H 17 45.59 1.45 19.06
CA GLN H 17 44.87 1.34 17.79
C GLN H 17 43.59 0.53 17.93
N TRP H 18 42.98 0.57 19.11
CA TRP H 18 41.77 -0.18 19.32
C TRP H 18 40.48 0.56 18.94
N LEU H 19 40.60 1.57 18.09
CA LEU H 19 39.43 2.34 17.67
C LEU H 19 38.48 1.46 16.87
N LEU H 20 39.02 0.74 15.87
CA LEU H 20 38.24 -0.19 15.05
C LEU H 20 37.60 -1.30 15.88
N ARG H 21 38.21 -1.65 17.02
CA ARG H 21 37.66 -2.70 17.88
C ARG H 21 36.39 -2.15 18.52
N ALA H 22 36.55 -1.04 19.21
CA ALA H 22 35.47 -0.36 19.89
C ALA H 22 34.38 0.09 18.92
N ALA H 23 34.77 0.63 17.78
CA ALA H 23 33.76 1.10 16.82
C ALA H 23 32.95 -0.08 16.34
N TRP H 24 33.65 -1.17 15.99
CA TRP H 24 32.98 -2.36 15.51
C TRP H 24 31.94 -2.84 16.54
N LEU H 25 32.38 -2.99 17.78
CA LEU H 25 31.48 -3.47 18.82
C LEU H 25 30.33 -2.50 19.05
N ALA H 26 30.61 -1.22 18.92
CA ALA H 26 29.60 -0.20 19.11
C ALA H 26 28.44 -0.49 18.17
N GLN H 27 28.77 -0.62 16.88
CA GLN H 27 27.78 -0.89 15.84
C GLN H 27 27.05 -2.20 16.09
N GLU H 28 27.79 -3.24 16.51
CA GLU H 28 27.15 -4.52 16.82
C GLU H 28 26.05 -4.29 17.84
N LEU H 29 26.36 -3.49 18.87
CA LEU H 29 25.38 -3.18 19.92
C LEU H 29 24.25 -2.29 19.41
N LEU H 30 24.61 -1.24 18.68
CA LEU H 30 23.60 -0.31 18.15
C LEU H 30 22.68 -0.97 17.14
N SER H 31 23.24 -1.84 16.31
CA SER H 31 22.44 -2.51 15.32
C SER H 31 21.48 -3.50 15.96
N THR H 32 21.89 -4.10 17.07
CA THR H 32 21.06 -5.09 17.76
C THR H 32 20.08 -4.53 18.80
N PHE H 33 20.40 -3.39 19.40
CA PHE H 33 19.51 -2.80 20.40
C PHE H 33 19.11 -1.37 20.02
N SER H 34 18.92 -1.11 18.74
CA SER H 34 18.54 0.22 18.28
C SER H 34 17.31 0.80 18.97
N ASP H 35 16.51 -0.07 19.59
CA ASP H 35 15.29 0.37 20.27
C ASP H 35 15.40 0.30 21.79
N ASP H 36 16.43 -0.38 22.30
CA ASP H 36 16.62 -0.51 23.74
C ASP H 36 17.61 0.50 24.31
N LEU H 37 18.72 0.69 23.60
CA LEU H 37 19.75 1.63 24.05
C LEU H 37 19.43 3.05 23.64
N GLY H 38 19.88 3.99 24.44
CA GLY H 38 19.65 5.40 24.15
C GLY H 38 20.87 6.08 23.56
N LYS H 39 22.05 5.60 23.92
CA LYS H 39 23.27 6.21 23.41
C LYS H 39 24.50 5.37 23.73
N VAL H 40 25.24 5.00 22.69
CA VAL H 40 26.47 4.24 22.86
C VAL H 40 27.60 5.25 22.62
N SER H 41 28.45 5.43 23.63
CA SER H 41 29.55 6.38 23.58
C SER H 41 30.92 5.72 23.48
N LEU H 42 31.74 6.22 22.54
CA LEU H 42 33.08 5.71 22.31
C LEU H 42 34.06 6.76 22.81
N GLU H 43 34.77 6.48 23.90
CA GLU H 43 35.71 7.47 24.46
C GLU H 43 37.18 7.09 24.44
N PRO H 44 38.03 7.97 23.88
CA PRO H 44 39.47 7.70 23.83
C PRO H 44 39.98 7.44 25.24
N ALA H 45 41.03 6.64 25.34
CA ALA H 45 41.62 6.33 26.64
C ALA H 45 43.11 6.12 26.47
N THR H 46 43.79 5.80 27.56
CA THR H 46 45.22 5.58 27.49
C THR H 46 45.64 4.45 28.40
N GLY H 47 46.86 3.97 28.19
CA GLY H 47 47.37 2.88 29.01
C GLY H 47 46.70 1.54 28.82
N GLY H 48 46.59 1.10 27.56
CA GLY H 48 45.98 -0.19 27.28
C GLY H 48 44.67 -0.46 28.01
N ALA H 49 43.75 0.49 27.95
CA ALA H 49 42.47 0.32 28.61
C ALA H 49 41.37 -0.03 27.63
N PHE H 50 40.51 -0.94 28.07
CA PHE H 50 39.38 -1.36 27.25
C PHE H 50 38.31 -1.78 28.23
N ARG H 51 37.40 -0.86 28.54
CA ARG H 51 36.34 -1.16 29.49
C ARG H 51 34.98 -0.76 28.92
N ILE H 52 34.01 -1.67 29.03
CA ILE H 52 32.66 -1.45 28.53
C ILE H 52 31.64 -1.43 29.67
N THR H 53 31.13 -0.24 29.98
CA THR H 53 30.13 -0.11 31.04
C THR H 53 28.76 0.21 30.46
N CYS H 54 27.74 -0.04 31.26
CA CYS H 54 26.36 0.22 30.88
C CYS H 54 25.65 0.84 32.08
N ASP H 55 25.44 2.15 32.01
CA ASP H 55 24.80 2.89 33.09
C ASP H 55 25.74 2.77 34.27
N GLY H 56 27.04 2.73 33.96
CA GLY H 56 28.05 2.63 35.00
C GLY H 56 28.52 1.23 35.33
N VAL H 57 27.60 0.27 35.31
CA VAL H 57 27.95 -1.11 35.61
C VAL H 57 28.96 -1.62 34.59
N GLN H 58 29.99 -2.32 35.09
CA GLN H 58 31.00 -2.84 34.19
C GLN H 58 30.52 -4.13 33.54
N ILE H 59 30.64 -4.19 32.21
CA ILE H 59 30.26 -5.37 31.48
C ILE H 59 31.47 -6.04 30.87
N TRP H 60 32.58 -5.30 30.84
CA TRP H 60 33.82 -5.82 30.29
C TRP H 60 35.03 -4.95 30.58
N GLU H 61 36.15 -5.60 30.86
CA GLU H 61 37.40 -4.91 31.13
C GLU H 61 38.47 -5.87 30.62
N ARG H 62 39.38 -5.35 29.80
CA ARG H 62 40.45 -6.14 29.18
C ARG H 62 41.14 -7.14 30.12
N LYS H 63 41.79 -6.61 31.15
CA LYS H 63 42.50 -7.42 32.13
C LYS H 63 41.61 -8.47 32.79
N ALA H 64 40.57 -8.00 33.48
CA ALA H 64 39.63 -8.85 34.19
C ALA H 64 38.93 -9.90 33.31
N ASP H 65 38.30 -9.46 32.22
CA ASP H 65 37.60 -10.40 31.36
C ASP H 65 38.51 -11.17 30.43
N GLY H 66 39.76 -10.75 30.33
CA GLY H 66 40.73 -11.45 29.50
C GLY H 66 40.78 -11.16 28.02
N GLY H 67 40.86 -9.87 27.66
CA GLY H 67 40.94 -9.48 26.27
C GLY H 67 39.75 -8.68 25.76
N PHE H 68 39.33 -8.98 24.54
CA PHE H 68 38.22 -8.27 23.93
C PHE H 68 37.04 -9.23 23.83
N PRO H 69 35.80 -8.71 23.90
CA PRO H 69 34.62 -9.57 23.83
C PRO H 69 34.16 -10.02 22.45
N GLU H 70 33.49 -11.17 22.42
CA GLU H 70 32.94 -11.65 21.18
C GLU H 70 31.62 -10.93 21.08
N ALA H 71 31.14 -10.68 19.86
CA ALA H 71 29.87 -10.00 19.70
C ALA H 71 28.77 -10.72 20.47
N LYS H 72 28.80 -12.04 20.43
CA LYS H 72 27.79 -12.84 21.11
C LYS H 72 27.73 -12.53 22.59
N VAL H 73 28.87 -12.69 23.27
CA VAL H 73 28.96 -12.45 24.70
C VAL H 73 28.53 -11.04 25.09
N LEU H 74 29.15 -10.03 24.50
CA LEU H 74 28.81 -8.66 24.81
C LEU H 74 27.33 -8.40 24.58
N LYS H 75 26.83 -8.88 23.45
CA LYS H 75 25.43 -8.70 23.09
C LYS H 75 24.50 -9.21 24.19
N GLN H 76 24.81 -10.37 24.76
CA GLN H 76 24.00 -10.93 25.83
C GLN H 76 24.13 -10.11 27.10
N ARG H 77 25.36 -9.87 27.53
CA ARG H 77 25.60 -9.12 28.76
C ARG H 77 24.87 -7.80 28.84
N VAL H 78 24.79 -7.09 27.72
CA VAL H 78 24.09 -5.80 27.69
C VAL H 78 22.59 -6.06 27.79
N ARG H 79 22.17 -7.18 27.21
CA ARG H 79 20.76 -7.57 27.21
C ARG H 79 20.28 -7.93 28.62
N ASP H 80 20.96 -8.87 29.26
CA ASP H 80 20.58 -9.29 30.61
C ASP H 80 20.53 -8.09 31.57
N GLN H 81 21.53 -7.21 31.45
CA GLN H 81 21.60 -6.02 32.30
C GLN H 81 20.33 -5.18 32.20
N ILE H 82 19.94 -4.89 30.96
CA ILE H 82 18.76 -4.08 30.69
C ILE H 82 17.46 -4.87 30.72
N ASP H 83 17.25 -5.69 29.69
CA ASP H 83 16.06 -6.51 29.58
C ASP H 83 16.42 -7.92 30.06
N PRO H 84 16.03 -8.27 31.29
CA PRO H 84 16.32 -9.59 31.85
C PRO H 84 15.60 -10.75 31.17
N GLU H 85 14.27 -10.68 31.17
CA GLU H 85 13.42 -11.72 30.57
C GLU H 85 13.40 -11.77 29.04
N ARG H 86 14.24 -10.97 28.39
CA ARG H 86 14.27 -11.00 26.93
C ARG H 86 14.83 -12.34 26.47
N ASP H 87 14.35 -12.82 25.33
CA ASP H 87 14.80 -14.08 24.76
C ASP H 87 15.99 -13.90 23.83
#